data_1KW4
# 
_entry.id   1KW4 
# 
_audit_conform.dict_name       mmcif_pdbx.dic 
_audit_conform.dict_version    5.399 
_audit_conform.dict_location   http://mmcif.pdb.org/dictionaries/ascii/mmcif_pdbx.dic 
# 
loop_
_database_2.database_id 
_database_2.database_code 
_database_2.pdbx_database_accession 
_database_2.pdbx_DOI 
PDB   1KW4         pdb_00001kw4 10.2210/pdb1kw4/pdb 
RCSB  RCSB015395   ?            ?                   
WWPDB D_1000015395 ?            ?                   
# 
loop_
_pdbx_audit_revision_history.ordinal 
_pdbx_audit_revision_history.data_content_type 
_pdbx_audit_revision_history.major_revision 
_pdbx_audit_revision_history.minor_revision 
_pdbx_audit_revision_history.revision_date 
1 'Structure model' 1 0 2002-06-05 
2 'Structure model' 1 1 2008-04-27 
3 'Structure model' 1 2 2011-07-13 
4 'Structure model' 1 3 2021-10-27 
5 'Structure model' 1 4 2024-11-20 
# 
_pdbx_audit_revision_details.ordinal             1 
_pdbx_audit_revision_details.revision_ordinal    1 
_pdbx_audit_revision_details.data_content_type   'Structure model' 
_pdbx_audit_revision_details.provider            repository 
_pdbx_audit_revision_details.type                'Initial release' 
_pdbx_audit_revision_details.description         ? 
_pdbx_audit_revision_details.details             ? 
# 
loop_
_pdbx_audit_revision_group.ordinal 
_pdbx_audit_revision_group.revision_ordinal 
_pdbx_audit_revision_group.data_content_type 
_pdbx_audit_revision_group.group 
1 2 'Structure model' 'Version format compliance' 
2 3 'Structure model' 'Version format compliance' 
3 4 'Structure model' 'Database references'       
4 4 'Structure model' 'Derived calculations'      
5 5 'Structure model' 'Data collection'           
6 5 'Structure model' 'Structure summary'         
# 
loop_
_pdbx_audit_revision_category.ordinal 
_pdbx_audit_revision_category.revision_ordinal 
_pdbx_audit_revision_category.data_content_type 
_pdbx_audit_revision_category.category 
1 4 'Structure model' database_2                
2 4 'Structure model' struct_conn               
3 4 'Structure model' struct_ref_seq_dif        
4 5 'Structure model' chem_comp_atom            
5 5 'Structure model' chem_comp_bond            
6 5 'Structure model' pdbx_entry_details        
7 5 'Structure model' pdbx_modification_feature 
# 
loop_
_pdbx_audit_revision_item.ordinal 
_pdbx_audit_revision_item.revision_ordinal 
_pdbx_audit_revision_item.data_content_type 
_pdbx_audit_revision_item.item 
1 4 'Structure model' '_database_2.pdbx_DOI'                
2 4 'Structure model' '_database_2.pdbx_database_accession' 
3 4 'Structure model' '_struct_conn.pdbx_leaving_atom_flag' 
4 4 'Structure model' '_struct_ref_seq_dif.details'         
# 
_pdbx_database_status.status_code                     REL 
_pdbx_database_status.entry_id                        1KW4 
_pdbx_database_status.recvd_initial_deposition_date   2002-01-28 
_pdbx_database_status.deposit_site                    RCSB 
_pdbx_database_status.process_site                    RCSB 
_pdbx_database_status.status_code_sf                  REL 
_pdbx_database_status.SG_entry                        . 
_pdbx_database_status.pdb_format_compatible           Y 
_pdbx_database_status.status_code_mr                  ? 
_pdbx_database_status.status_code_cs                  ? 
_pdbx_database_status.status_code_nmr_data            ? 
_pdbx_database_status.methods_development_category    ? 
# 
_pdbx_database_related.db_name        PDB 
_pdbx_database_related.db_id          1JI7 
_pdbx_database_related.details        'ETS-RELATED PROTEIN TEL1' 
_pdbx_database_related.content_type   unspecified 
# 
loop_
_audit_author.name 
_audit_author.pdbx_ordinal 
'Kim, C.A.'   1 
'Gingery, M.' 2 
'M Pilpa, R.' 3 
'Bowie, J.U.' 4 
# 
_citation.id                        primary 
_citation.title                     'The SAM domain of polyhomeotic forms a helical polymer.' 
_citation.journal_abbrev            Nat.Struct.Biol. 
_citation.journal_volume            9 
_citation.page_first                453 
_citation.page_last                 457 
_citation.year                      2002 
_citation.journal_id_ASTM           NSBIEW 
_citation.country                   US 
_citation.journal_id_ISSN           1072-8368 
_citation.journal_id_CSD            2024 
_citation.book_publisher            ? 
_citation.pdbx_database_id_PubMed   11992127 
_citation.pdbx_database_id_DOI      ? 
# 
loop_
_citation_author.citation_id 
_citation_author.name 
_citation_author.ordinal 
_citation_author.identifier_ORCID 
primary 'Kim, C.A.'   1 ? 
primary 'Gingery, M.' 2 ? 
primary 'Pilpa, R.M.' 3 ? 
primary 'Bowie, J.U.' 4 ? 
# 
loop_
_entity.id 
_entity.type 
_entity.src_method 
_entity.pdbx_description 
_entity.formula_weight 
_entity.pdbx_number_of_molecules 
_entity.pdbx_ec 
_entity.pdbx_mutation 
_entity.pdbx_fragment 
_entity.details 
1 polymer man Polyhomeotic 10319.455 1  ? L51R 'SAM domain' ? 
2 water   nat water        18.015    56 ? ?    ?            ? 
# 
_entity_poly.entity_id                      1 
_entity_poly.type                           'polypeptide(L)' 
_entity_poly.nstd_linkage                   no 
_entity_poly.nstd_monomer                   yes 
_entity_poly.pdbx_seq_one_letter_code       
;METKRVNGTDRPPISSWSVDDVSNFIRELPGCQDYVDDFIQQEIDGQALLRLKEKHLVNA(MSE)G(MSE)KLGPALKIV
AKVESIKEVRDHHHHHH
;
_entity_poly.pdbx_seq_one_letter_code_can   
;METKRVNGTDRPPISSWSVDDVSNFIRELPGCQDYVDDFIQQEIDGQALLRLKEKHLVNAMGMKLGPALKIVAKVESIKE
VRDHHHHHH
;
_entity_poly.pdbx_strand_id                 A 
_entity_poly.pdbx_target_identifier         ? 
# 
_pdbx_entity_nonpoly.entity_id   2 
_pdbx_entity_nonpoly.name        water 
_pdbx_entity_nonpoly.comp_id     HOH 
# 
loop_
_entity_poly_seq.entity_id 
_entity_poly_seq.num 
_entity_poly_seq.mon_id 
_entity_poly_seq.hetero 
1 1  MET n 
1 2  GLU n 
1 3  THR n 
1 4  LYS n 
1 5  ARG n 
1 6  VAL n 
1 7  ASN n 
1 8  GLY n 
1 9  THR n 
1 10 ASP n 
1 11 ARG n 
1 12 PRO n 
1 13 PRO n 
1 14 ILE n 
1 15 SER n 
1 16 SER n 
1 17 TRP n 
1 18 SER n 
1 19 VAL n 
1 20 ASP n 
1 21 ASP n 
1 22 VAL n 
1 23 SER n 
1 24 ASN n 
1 25 PHE n 
1 26 ILE n 
1 27 ARG n 
1 28 GLU n 
1 29 LEU n 
1 30 PRO n 
1 31 GLY n 
1 32 CYS n 
1 33 GLN n 
1 34 ASP n 
1 35 TYR n 
1 36 VAL n 
1 37 ASP n 
1 38 ASP n 
1 39 PHE n 
1 40 ILE n 
1 41 GLN n 
1 42 GLN n 
1 43 GLU n 
1 44 ILE n 
1 45 ASP n 
1 46 GLY n 
1 47 GLN n 
1 48 ALA n 
1 49 LEU n 
1 50 LEU n 
1 51 ARG n 
1 52 LEU n 
1 53 LYS n 
1 54 GLU n 
1 55 LYS n 
1 56 HIS n 
1 57 LEU n 
1 58 VAL n 
1 59 ASN n 
1 60 ALA n 
1 61 MSE n 
1 62 GLY n 
1 63 MSE n 
1 64 LYS n 
1 65 LEU n 
1 66 GLY n 
1 67 PRO n 
1 68 ALA n 
1 69 LEU n 
1 70 LYS n 
1 71 ILE n 
1 72 VAL n 
1 73 ALA n 
1 74 LYS n 
1 75 VAL n 
1 76 GLU n 
1 77 SER n 
1 78 ILE n 
1 79 LYS n 
1 80 GLU n 
1 81 VAL n 
1 82 ARG n 
1 83 ASP n 
1 84 HIS n 
1 85 HIS n 
1 86 HIS n 
1 87 HIS n 
1 88 HIS n 
1 89 HIS n 
# 
_entity_src_gen.entity_id                          1 
_entity_src_gen.pdbx_src_id                        1 
_entity_src_gen.pdbx_alt_source_flag               sample 
_entity_src_gen.pdbx_seq_type                      ? 
_entity_src_gen.pdbx_beg_seq_num                   ? 
_entity_src_gen.pdbx_end_seq_num                   ? 
_entity_src_gen.gene_src_common_name               'fruit fly' 
_entity_src_gen.gene_src_genus                     Drosophila 
_entity_src_gen.pdbx_gene_src_gene                 ? 
_entity_src_gen.gene_src_species                   ? 
_entity_src_gen.gene_src_strain                    ? 
_entity_src_gen.gene_src_tissue                    ? 
_entity_src_gen.gene_src_tissue_fraction           ? 
_entity_src_gen.gene_src_details                   ? 
_entity_src_gen.pdbx_gene_src_fragment             ? 
_entity_src_gen.pdbx_gene_src_scientific_name      'Drosophila melanogaster' 
_entity_src_gen.pdbx_gene_src_ncbi_taxonomy_id     7227 
_entity_src_gen.pdbx_gene_src_variant              ? 
_entity_src_gen.pdbx_gene_src_cell_line            ? 
_entity_src_gen.pdbx_gene_src_atcc                 ? 
_entity_src_gen.pdbx_gene_src_organ                ? 
_entity_src_gen.pdbx_gene_src_organelle            ? 
_entity_src_gen.pdbx_gene_src_cell                 ? 
_entity_src_gen.pdbx_gene_src_cellular_location    ? 
_entity_src_gen.host_org_common_name               ? 
_entity_src_gen.pdbx_host_org_scientific_name      'Escherichia coli' 
_entity_src_gen.pdbx_host_org_ncbi_taxonomy_id     562 
_entity_src_gen.host_org_genus                     Escherichia 
_entity_src_gen.pdbx_host_org_gene                 ? 
_entity_src_gen.pdbx_host_org_organ                ? 
_entity_src_gen.host_org_species                   ? 
_entity_src_gen.pdbx_host_org_tissue               ? 
_entity_src_gen.pdbx_host_org_tissue_fraction      ? 
_entity_src_gen.pdbx_host_org_strain               ? 
_entity_src_gen.pdbx_host_org_variant              ? 
_entity_src_gen.pdbx_host_org_cell_line            ? 
_entity_src_gen.pdbx_host_org_atcc                 ? 
_entity_src_gen.pdbx_host_org_culture_collection   ? 
_entity_src_gen.pdbx_host_org_cell                 ? 
_entity_src_gen.pdbx_host_org_organelle            ? 
_entity_src_gen.pdbx_host_org_cellular_location    ? 
_entity_src_gen.pdbx_host_org_vector_type          ? 
_entity_src_gen.pdbx_host_org_vector               ? 
_entity_src_gen.host_org_details                   ? 
_entity_src_gen.expression_system_id               ? 
_entity_src_gen.plasmid_name                       ? 
_entity_src_gen.plasmid_details                    ? 
_entity_src_gen.pdbx_description                   ? 
# 
loop_
_chem_comp.id 
_chem_comp.type 
_chem_comp.mon_nstd_flag 
_chem_comp.name 
_chem_comp.pdbx_synonyms 
_chem_comp.formula 
_chem_comp.formula_weight 
ALA 'L-peptide linking' y ALANINE          ? 'C3 H7 N O2'     89.093  
ARG 'L-peptide linking' y ARGININE         ? 'C6 H15 N4 O2 1' 175.209 
ASN 'L-peptide linking' y ASPARAGINE       ? 'C4 H8 N2 O3'    132.118 
ASP 'L-peptide linking' y 'ASPARTIC ACID'  ? 'C4 H7 N O4'     133.103 
CYS 'L-peptide linking' y CYSTEINE         ? 'C3 H7 N O2 S'   121.158 
GLN 'L-peptide linking' y GLUTAMINE        ? 'C5 H10 N2 O3'   146.144 
GLU 'L-peptide linking' y 'GLUTAMIC ACID'  ? 'C5 H9 N O4'     147.129 
GLY 'peptide linking'   y GLYCINE          ? 'C2 H5 N O2'     75.067  
HIS 'L-peptide linking' y HISTIDINE        ? 'C6 H10 N3 O2 1' 156.162 
HOH non-polymer         . WATER            ? 'H2 O'           18.015  
ILE 'L-peptide linking' y ISOLEUCINE       ? 'C6 H13 N O2'    131.173 
LEU 'L-peptide linking' y LEUCINE          ? 'C6 H13 N O2'    131.173 
LYS 'L-peptide linking' y LYSINE           ? 'C6 H15 N2 O2 1' 147.195 
MET 'L-peptide linking' y METHIONINE       ? 'C5 H11 N O2 S'  149.211 
MSE 'L-peptide linking' n SELENOMETHIONINE ? 'C5 H11 N O2 Se' 196.106 
PHE 'L-peptide linking' y PHENYLALANINE    ? 'C9 H11 N O2'    165.189 
PRO 'L-peptide linking' y PROLINE          ? 'C5 H9 N O2'     115.130 
SER 'L-peptide linking' y SERINE           ? 'C3 H7 N O3'     105.093 
THR 'L-peptide linking' y THREONINE        ? 'C4 H9 N O3'     119.119 
TRP 'L-peptide linking' y TRYPTOPHAN       ? 'C11 H12 N2 O2'  204.225 
TYR 'L-peptide linking' y TYROSINE         ? 'C9 H11 N O3'    181.189 
VAL 'L-peptide linking' y VALINE           ? 'C5 H11 N O2'    117.146 
# 
loop_
_pdbx_poly_seq_scheme.asym_id 
_pdbx_poly_seq_scheme.entity_id 
_pdbx_poly_seq_scheme.seq_id 
_pdbx_poly_seq_scheme.mon_id 
_pdbx_poly_seq_scheme.ndb_seq_num 
_pdbx_poly_seq_scheme.pdb_seq_num 
_pdbx_poly_seq_scheme.auth_seq_num 
_pdbx_poly_seq_scheme.pdb_mon_id 
_pdbx_poly_seq_scheme.auth_mon_id 
_pdbx_poly_seq_scheme.pdb_strand_id 
_pdbx_poly_seq_scheme.pdb_ins_code 
_pdbx_poly_seq_scheme.hetero 
A 1 1  MET 1  1  ?  ?   ?   A . n 
A 1 2  GLU 2  2  ?  ?   ?   A . n 
A 1 3  THR 3  3  ?  ?   ?   A . n 
A 1 4  LYS 4  4  ?  ?   ?   A . n 
A 1 5  ARG 5  5  ?  ?   ?   A . n 
A 1 6  VAL 6  6  ?  ?   ?   A . n 
A 1 7  ASN 7  7  ?  ?   ?   A . n 
A 1 8  GLY 8  8  ?  ?   ?   A . n 
A 1 9  THR 9  9  ?  ?   ?   A . n 
A 1 10 ASP 10 10 10 ASP ASP A . n 
A 1 11 ARG 11 11 11 ARG ARG A . n 
A 1 12 PRO 12 12 12 PRO PRO A . n 
A 1 13 PRO 13 13 13 PRO PRO A . n 
A 1 14 ILE 14 14 14 ILE ILE A . n 
A 1 15 SER 15 15 15 SER SER A . n 
A 1 16 SER 16 16 16 SER SER A . n 
A 1 17 TRP 17 17 17 TRP TRP A . n 
A 1 18 SER 18 18 18 SER SER A . n 
A 1 19 VAL 19 19 19 VAL VAL A . n 
A 1 20 ASP 20 20 20 ASP ASP A . n 
A 1 21 ASP 21 21 21 ASP ASP A . n 
A 1 22 VAL 22 22 22 VAL VAL A . n 
A 1 23 SER 23 23 23 SER SER A . n 
A 1 24 ASN 24 24 24 ASN ASN A . n 
A 1 25 PHE 25 25 25 PHE PHE A . n 
A 1 26 ILE 26 26 26 ILE ILE A . n 
A 1 27 ARG 27 27 27 ARG ARG A . n 
A 1 28 GLU 28 28 28 GLU GLU A . n 
A 1 29 LEU 29 29 29 LEU LEU A . n 
A 1 30 PRO 30 30 30 PRO PRO A . n 
A 1 31 GLY 31 31 31 GLY GLY A . n 
A 1 32 CYS 32 32 32 CYS CYS A . n 
A 1 33 GLN 33 33 33 GLN GLN A . n 
A 1 34 ASP 34 34 34 ASP ASP A . n 
A 1 35 TYR 35 35 35 TYR TYR A . n 
A 1 36 VAL 36 36 36 VAL VAL A . n 
A 1 37 ASP 37 37 37 ASP ASP A . n 
A 1 38 ASP 38 38 38 ASP ASP A . n 
A 1 39 PHE 39 39 39 PHE PHE A . n 
A 1 40 ILE 40 40 40 ILE ILE A . n 
A 1 41 GLN 41 41 41 GLN GLN A . n 
A 1 42 GLN 42 42 42 GLN GLN A . n 
A 1 43 GLU 43 43 43 GLU GLU A . n 
A 1 44 ILE 44 44 44 ILE ILE A . n 
A 1 45 ASP 45 45 45 ASP ASP A . n 
A 1 46 GLY 46 46 46 GLY GLY A . n 
A 1 47 GLN 47 47 47 GLN GLN A . n 
A 1 48 ALA 48 48 48 ALA ALA A . n 
A 1 49 LEU 49 49 49 LEU LEU A . n 
A 1 50 LEU 50 50 50 LEU LEU A . n 
A 1 51 ARG 51 51 51 ARG ARG A . n 
A 1 52 LEU 52 52 52 LEU LEU A . n 
A 1 53 LYS 53 53 53 LYS LYS A . n 
A 1 54 GLU 54 54 54 GLU GLU A . n 
A 1 55 LYS 55 55 55 LYS LYS A . n 
A 1 56 HIS 56 56 56 HIS HIS A . n 
A 1 57 LEU 57 57 57 LEU LEU A . n 
A 1 58 VAL 58 58 58 VAL VAL A . n 
A 1 59 ASN 59 59 59 ASN ASN A . n 
A 1 60 ALA 60 60 60 ALA ALA A . n 
A 1 61 MSE 61 61 61 MSE MSE A . n 
A 1 62 GLY 62 62 62 GLY GLY A . n 
A 1 63 MSE 63 63 63 MSE MSE A . n 
A 1 64 LYS 64 64 64 LYS LYS A . n 
A 1 65 LEU 65 65 65 LEU LEU A . n 
A 1 66 GLY 66 66 66 GLY GLY A . n 
A 1 67 PRO 67 67 67 PRO PRO A . n 
A 1 68 ALA 68 68 68 ALA ALA A . n 
A 1 69 LEU 69 69 69 LEU LEU A . n 
A 1 70 LYS 70 70 70 LYS LYS A . n 
A 1 71 ILE 71 71 71 ILE ILE A . n 
A 1 72 VAL 72 72 72 VAL VAL A . n 
A 1 73 ALA 73 73 73 ALA ALA A . n 
A 1 74 LYS 74 74 74 LYS LYS A . n 
A 1 75 VAL 75 75 75 VAL VAL A . n 
A 1 76 GLU 76 76 76 GLU GLU A . n 
A 1 77 SER 77 77 77 SER SER A . n 
A 1 78 ILE 78 78 78 ILE ILE A . n 
A 1 79 LYS 79 79 79 LYS LYS A . n 
A 1 80 GLU 80 80 ?  ?   ?   A . n 
A 1 81 VAL 81 81 ?  ?   ?   A . n 
A 1 82 ARG 82 82 ?  ?   ?   A . n 
A 1 83 ASP 83 83 ?  ?   ?   A . n 
A 1 84 HIS 84 84 ?  ?   ?   A . n 
A 1 85 HIS 85 85 ?  ?   ?   A . n 
A 1 86 HIS 86 86 ?  ?   ?   A . n 
A 1 87 HIS 87 87 ?  ?   ?   A . n 
A 1 88 HIS 88 88 ?  ?   ?   A . n 
A 1 89 HIS 89 89 ?  ?   ?   A . n 
# 
loop_
_pdbx_nonpoly_scheme.asym_id 
_pdbx_nonpoly_scheme.entity_id 
_pdbx_nonpoly_scheme.mon_id 
_pdbx_nonpoly_scheme.ndb_seq_num 
_pdbx_nonpoly_scheme.pdb_seq_num 
_pdbx_nonpoly_scheme.auth_seq_num 
_pdbx_nonpoly_scheme.pdb_mon_id 
_pdbx_nonpoly_scheme.auth_mon_id 
_pdbx_nonpoly_scheme.pdb_strand_id 
_pdbx_nonpoly_scheme.pdb_ins_code 
B 2 HOH 1  90  1  HOH TIP A . 
B 2 HOH 2  91  2  HOH TIP A . 
B 2 HOH 3  92  3  HOH TIP A . 
B 2 HOH 4  93  4  HOH TIP A . 
B 2 HOH 5  94  5  HOH TIP A . 
B 2 HOH 6  95  6  HOH TIP A . 
B 2 HOH 7  96  7  HOH TIP A . 
B 2 HOH 8  97  8  HOH TIP A . 
B 2 HOH 9  98  9  HOH TIP A . 
B 2 HOH 10 99  10 HOH TIP A . 
B 2 HOH 11 100 11 HOH TIP A . 
B 2 HOH 12 101 12 HOH TIP A . 
B 2 HOH 13 102 13 HOH TIP A . 
B 2 HOH 14 103 14 HOH TIP A . 
B 2 HOH 15 104 15 HOH TIP A . 
B 2 HOH 16 105 16 HOH TIP A . 
B 2 HOH 17 106 17 HOH TIP A . 
B 2 HOH 18 107 18 HOH TIP A . 
B 2 HOH 19 108 19 HOH TIP A . 
B 2 HOH 20 109 20 HOH TIP A . 
B 2 HOH 21 110 21 HOH TIP A . 
B 2 HOH 22 111 22 HOH TIP A . 
B 2 HOH 23 112 23 HOH TIP A . 
B 2 HOH 24 113 24 HOH TIP A . 
B 2 HOH 25 114 25 HOH TIP A . 
B 2 HOH 26 115 26 HOH TIP A . 
B 2 HOH 27 116 27 HOH TIP A . 
B 2 HOH 28 117 28 HOH TIP A . 
B 2 HOH 29 118 29 HOH TIP A . 
B 2 HOH 30 119 30 HOH TIP A . 
B 2 HOH 31 120 31 HOH TIP A . 
B 2 HOH 32 121 32 HOH TIP A . 
B 2 HOH 33 122 33 HOH TIP A . 
B 2 HOH 34 123 34 HOH TIP A . 
B 2 HOH 35 124 35 HOH TIP A . 
B 2 HOH 36 125 36 HOH TIP A . 
B 2 HOH 37 126 37 HOH TIP A . 
B 2 HOH 38 127 38 HOH TIP A . 
B 2 HOH 39 128 39 HOH TIP A . 
B 2 HOH 40 129 40 HOH TIP A . 
B 2 HOH 41 130 41 HOH TIP A . 
B 2 HOH 42 131 42 HOH TIP A . 
B 2 HOH 43 132 43 HOH TIP A . 
B 2 HOH 44 133 44 HOH TIP A . 
B 2 HOH 45 134 45 HOH TIP A . 
B 2 HOH 46 135 46 HOH TIP A . 
B 2 HOH 47 136 47 HOH TIP A . 
B 2 HOH 48 137 48 HOH TIP A . 
B 2 HOH 49 138 49 HOH TIP A . 
B 2 HOH 50 139 50 HOH TIP A . 
B 2 HOH 51 140 51 HOH TIP A . 
B 2 HOH 52 141 52 HOH TIP A . 
B 2 HOH 53 142 53 HOH TIP A . 
B 2 HOH 54 143 54 HOH TIP A . 
B 2 HOH 55 144 55 HOH TIP A . 
B 2 HOH 56 145 56 HOH TIP A . 
# 
loop_
_software.name 
_software.classification 
_software.version 
_software.citation_id 
_software.pdbx_ordinal 
SOLVE     phasing          .   ? 1 
CNS       refinement       1.1 ? 2 
DENZO     'data reduction' .   ? 3 
SCALEPACK 'data scaling'   .   ? 4 
# 
_cell.entry_id           1KW4 
_cell.length_a           59.836 
_cell.length_b           59.836 
_cell.length_c           44.896 
_cell.angle_alpha        90.00 
_cell.angle_beta         90.00 
_cell.angle_gamma        120.00 
_cell.Z_PDB              6 
_cell.pdbx_unique_axis   ? 
# 
_symmetry.entry_id                         1KW4 
_symmetry.space_group_name_H-M             'P 65' 
_symmetry.pdbx_full_space_group_name_H-M   ? 
_symmetry.cell_setting                     ? 
_symmetry.Int_Tables_number                170 
# 
_exptl.entry_id          1KW4 
_exptl.method            'X-RAY DIFFRACTION' 
_exptl.crystals_number   1 
# 
_exptl_crystal.id                    1 
_exptl_crystal.density_meas          ? 
_exptl_crystal.density_percent_sol   45.27 
_exptl_crystal.density_Matthews      2.25 
_exptl_crystal.description           ? 
# 
_exptl_crystal_grow.crystal_id      1 
_exptl_crystal_grow.method          'VAPOR DIFFUSION, HANGING DROP' 
_exptl_crystal_grow.temp            293 
_exptl_crystal_grow.temp_details    ? 
_exptl_crystal_grow.pH              4.0 
_exptl_crystal_grow.pdbx_details    'Li2SO4, pH 4.0, VAPOR DIFFUSION, HANGING DROP, temperature 293K' 
_exptl_crystal_grow.pdbx_pH_range   . 
# 
_diffrn.id                     1 
_diffrn.ambient_temp           ? 
_diffrn.ambient_temp_details   ? 
_diffrn.crystal_id             1 
# 
_diffrn_detector.diffrn_id              1 
_diffrn_detector.detector               CCD 
_diffrn_detector.type                   'ADSC QUANTUM 4' 
_diffrn_detector.pdbx_collection_date   2001-04-13 
_diffrn_detector.details                ? 
# 
_diffrn_radiation.diffrn_id                        1 
_diffrn_radiation.wavelength_id                    1 
_diffrn_radiation.pdbx_monochromatic_or_laue_m_l   M 
_diffrn_radiation.monochromator                    ? 
_diffrn_radiation.pdbx_diffrn_protocol             MAD 
_diffrn_radiation.pdbx_scattering_type             x-ray 
# 
loop_
_diffrn_radiation_wavelength.id 
_diffrn_radiation_wavelength.wavelength 
_diffrn_radiation_wavelength.wt 
1 0.969575 1.0 
2 0.97855  1.0 
3 0.979224 1.0 
# 
_diffrn_source.diffrn_id                   1 
_diffrn_source.source                      SYNCHROTRON 
_diffrn_source.type                        'NSLS BEAMLINE X8C' 
_diffrn_source.pdbx_synchrotron_site       NSLS 
_diffrn_source.pdbx_synchrotron_beamline   X8C 
_diffrn_source.pdbx_wavelength             ? 
_diffrn_source.pdbx_wavelength_list        '0.969575, 0.97855, 0.979224' 
# 
_reflns.entry_id                     1KW4 
_reflns.observed_criterion_sigma_I   -3 
_reflns.observed_criterion_sigma_F   0 
_reflns.d_resolution_low             20 
_reflns.d_resolution_high            1.75 
_reflns.number_obs                   17395 
_reflns.number_all                   ? 
_reflns.percent_possible_obs         98 
_reflns.pdbx_Rmerge_I_obs            ? 
_reflns.pdbx_Rsym_value              ? 
_reflns.pdbx_netI_over_sigmaI        ? 
_reflns.B_iso_Wilson_estimate        27.5 
_reflns.pdbx_redundancy              ? 
_reflns.R_free_details               ? 
_reflns.limit_h_max                  ? 
_reflns.limit_h_min                  ? 
_reflns.limit_k_max                  ? 
_reflns.limit_k_min                  ? 
_reflns.limit_l_max                  ? 
_reflns.limit_l_min                  ? 
_reflns.observed_criterion_F_max     ? 
_reflns.observed_criterion_F_min     ? 
_reflns.pdbx_diffrn_id               1 
_reflns.pdbx_ordinal                 1 
# 
_reflns_shell.d_res_high             1.75 
_reflns_shell.d_res_low              ? 
_reflns_shell.percent_possible_all   97 
_reflns_shell.Rmerge_I_obs           ? 
_reflns_shell.pdbx_Rsym_value        ? 
_reflns_shell.meanI_over_sigI_obs    ? 
_reflns_shell.pdbx_redundancy        ? 
_reflns_shell.percent_possible_obs   ? 
_reflns_shell.number_unique_all      ? 
_reflns_shell.pdbx_diffrn_id         ? 
_reflns_shell.pdbx_ordinal           1 
# 
_refine.entry_id                                 1KW4 
_refine.ls_number_reflns_obs                     9145 
_refine.ls_number_reflns_all                     9335 
_refine.pdbx_ls_sigma_I                          ? 
_refine.pdbx_ls_sigma_F                          0.0 
_refine.pdbx_data_cutoff_high_absF               1256045.07 
_refine.pdbx_data_cutoff_low_absF                0.000000 
_refine.ls_d_res_low                             1.81 
_refine.ls_d_res_high                            1.75 
_refine.ls_percent_reflns_obs                    98.0 
_refine.ls_R_factor_obs                          0.2200000 
_refine.ls_R_factor_all                          ? 
_refine.ls_R_factor_R_work                       0.2200000 
_refine.ls_R_factor_R_free                       0.2340000 
_refine.ls_R_factor_R_free_error                 0.011 
_refine.ls_R_factor_R_free_error_details         ? 
_refine.ls_percent_reflns_R_free                 5.3 
_refine.ls_number_reflns_R_free                  488 
_refine.ls_number_parameters                     ? 
_refine.ls_number_restraints                     ? 
_refine.occupancy_min                            ? 
_refine.occupancy_max                            ? 
_refine.B_iso_mean                               31.2 
_refine.aniso_B[1][1]                            -2.82 
_refine.aniso_B[2][2]                            -2.82 
_refine.aniso_B[3][3]                            5.64 
_refine.aniso_B[1][2]                            0.20 
_refine.aniso_B[1][3]                            0.00 
_refine.aniso_B[2][3]                            0.00 
_refine.solvent_model_details                    'FLAT MODEL' 
_refine.solvent_model_param_ksol                 0.407488 
_refine.solvent_model_param_bsol                 68.2429 
_refine.pdbx_ls_cross_valid_method               THROUGHOUT 
_refine.details                                  ? 
_refine.pdbx_starting_model                      ? 
_refine.pdbx_method_to_determine_struct          MAD 
_refine.pdbx_isotropic_thermal_model             RESTRAINED 
_refine.pdbx_stereochemistry_target_values       'Engh & Huber' 
_refine.pdbx_stereochem_target_val_spec_case     ? 
_refine.pdbx_R_Free_selection_details            RANDOM 
_refine.pdbx_overall_ESU_R_Free                  ? 
_refine.overall_SU_B                             ? 
_refine.ls_redundancy_reflns_obs                 ? 
_refine.B_iso_min                                ? 
_refine.B_iso_max                                ? 
_refine.correlation_coeff_Fo_to_Fc               ? 
_refine.overall_SU_R_Cruickshank_DPI             ? 
_refine.overall_SU_R_free                        ? 
_refine.overall_SU_ML                            ? 
_refine.pdbx_overall_ESU_R                       ? 
_refine.pdbx_data_cutoff_high_rms_absF           1256045.07 
_refine.correlation_coeff_Fo_to_Fc_free          ? 
_refine.pdbx_solvent_vdw_probe_radii             ? 
_refine.pdbx_solvent_ion_probe_radii             ? 
_refine.pdbx_solvent_shrinkage_radii             ? 
_refine.pdbx_refine_id                           'X-RAY DIFFRACTION' 
_refine.pdbx_diffrn_id                           1 
_refine.pdbx_TLS_residual_ADP_flag               ? 
_refine.pdbx_overall_phase_error                 ? 
_refine.pdbx_overall_SU_R_free_Cruickshank_DPI   ? 
_refine.pdbx_overall_SU_R_Blow_DPI               ? 
_refine.pdbx_overall_SU_R_free_Blow_DPI          ? 
# 
_refine_analyze.entry_id                        1KW4 
_refine_analyze.Luzzati_coordinate_error_obs    0.21 
_refine_analyze.Luzzati_sigma_a_obs             0.12 
_refine_analyze.Luzzati_d_res_low_obs           5.00 
_refine_analyze.Luzzati_coordinate_error_free   0.25 
_refine_analyze.Luzzati_sigma_a_free            0.12 
_refine_analyze.Luzzati_d_res_low_free          ? 
_refine_analyze.number_disordered_residues      ? 
_refine_analyze.occupancy_sum_hydrogen          ? 
_refine_analyze.occupancy_sum_non_hydrogen      ? 
_refine_analyze.pdbx_Luzzati_d_res_high_obs     ? 
_refine_analyze.pdbx_refine_id                  'X-RAY DIFFRACTION' 
# 
_refine_hist.pdbx_refine_id                   'X-RAY DIFFRACTION' 
_refine_hist.cycle_id                         LAST 
_refine_hist.pdbx_number_atoms_protein        551 
_refine_hist.pdbx_number_atoms_nucleic_acid   0 
_refine_hist.pdbx_number_atoms_ligand         0 
_refine_hist.number_atoms_solvent             56 
_refine_hist.number_atoms_total               607 
_refine_hist.d_res_high                       1.75 
_refine_hist.d_res_low                        1.81 
# 
loop_
_refine_ls_restr.type 
_refine_ls_restr.dev_ideal 
_refine_ls_restr.dev_ideal_target 
_refine_ls_restr.weight 
_refine_ls_restr.number 
_refine_ls_restr.pdbx_refine_id 
_refine_ls_restr.pdbx_restraint_function 
c_bond_d           0.006 ?    ? ? 'X-RAY DIFFRACTION' ? 
c_angle_deg        1.2   ?    ? ? 'X-RAY DIFFRACTION' ? 
c_dihedral_angle_d 18.5  ?    ? ? 'X-RAY DIFFRACTION' ? 
c_improper_angle_d 0.94  ?    ? ? 'X-RAY DIFFRACTION' ? 
c_mcbond_it        1.54  1.50 ? ? 'X-RAY DIFFRACTION' ? 
c_mcangle_it       2.43  2.00 ? ? 'X-RAY DIFFRACTION' ? 
c_scbond_it        2.67  2.00 ? ? 'X-RAY DIFFRACTION' ? 
c_scangle_it       4.20  2.50 ? ? 'X-RAY DIFFRACTION' ? 
# 
_refine_ls_shell.pdbx_total_number_of_bins_used   6 
_refine_ls_shell.d_res_high                       1.75 
_refine_ls_shell.d_res_low                        1.81 
_refine_ls_shell.number_reflns_R_work             1357 
_refine_ls_shell.R_factor_R_work                  0.2440000 
_refine_ls_shell.percent_reflns_obs               91.8 
_refine_ls_shell.R_factor_R_free                  0.2610000 
_refine_ls_shell.R_factor_R_free_error            0.033 
_refine_ls_shell.percent_reflns_R_free            4.4 
_refine_ls_shell.number_reflns_R_free             62 
_refine_ls_shell.number_reflns_obs                ? 
_refine_ls_shell.redundancy_reflns_obs            ? 
_refine_ls_shell.number_reflns_all                ? 
_refine_ls_shell.pdbx_refine_id                   'X-RAY DIFFRACTION' 
_refine_ls_shell.R_factor_all                     ? 
# 
loop_
_pdbx_xplor_file.serial_no 
_pdbx_xplor_file.param_file 
_pdbx_xplor_file.topol_file 
_pdbx_xplor_file.pdbx_refine_id 
1 PROTEIN_REP.PARAM PROTEIN.TOP 'X-RAY DIFFRACTION' 
2 WATER_REP.PARAM   ?           'X-RAY DIFFRACTION' 
# 
_struct.entry_id                  1KW4 
_struct.title                     'Polyhomeotic SAM domain structure' 
_struct.pdbx_model_details        ? 
_struct.pdbx_CASP_flag            ? 
_struct.pdbx_model_type_details   ? 
# 
_struct_keywords.entry_id        1KW4 
_struct_keywords.pdbx_keywords   'DNA BINDING PROTEIN' 
_struct_keywords.text            'SAM domain, Polycomb Group, polymer, DNA BINDING PROTEIN' 
# 
loop_
_struct_asym.id 
_struct_asym.pdbx_blank_PDB_chainid_flag 
_struct_asym.pdbx_modified 
_struct_asym.entity_id 
_struct_asym.details 
A N N 1 ? 
B N N 2 ? 
# 
_struct_ref.id                         1 
_struct_ref.db_name                    UNP 
_struct_ref.db_code                    PHP_DROME 
_struct_ref.entity_id                  1 
_struct_ref.pdbx_seq_one_letter_code   
;PKSSEVNGTDRPPISSWSVDDVSNFIRELPGCQDYVDDFIQQEIDGQALLLLKEKHLVNAMGMKLGPALKIVAKVESIKE
V
;
_struct_ref.pdbx_align_begin           1497 
_struct_ref.pdbx_db_accession          P39769 
_struct_ref.pdbx_db_isoform            ? 
# 
_struct_ref_seq.align_id                      1 
_struct_ref_seq.ref_id                        1 
_struct_ref_seq.pdbx_PDB_id_code              1KW4 
_struct_ref_seq.pdbx_strand_id                A 
_struct_ref_seq.seq_align_beg                 1 
_struct_ref_seq.pdbx_seq_align_beg_ins_code   ? 
_struct_ref_seq.seq_align_end                 81 
_struct_ref_seq.pdbx_seq_align_end_ins_code   ? 
_struct_ref_seq.pdbx_db_accession             P39769 
_struct_ref_seq.db_align_beg                  1497 
_struct_ref_seq.pdbx_db_align_beg_ins_code    ? 
_struct_ref_seq.db_align_end                  1577 
_struct_ref_seq.pdbx_db_align_end_ins_code    ? 
_struct_ref_seq.pdbx_auth_seq_align_beg       1 
_struct_ref_seq.pdbx_auth_seq_align_end       81 
# 
loop_
_struct_ref_seq_dif.align_id 
_struct_ref_seq_dif.pdbx_pdb_id_code 
_struct_ref_seq_dif.mon_id 
_struct_ref_seq_dif.pdbx_pdb_strand_id 
_struct_ref_seq_dif.seq_num 
_struct_ref_seq_dif.pdbx_pdb_ins_code 
_struct_ref_seq_dif.pdbx_seq_db_name 
_struct_ref_seq_dif.pdbx_seq_db_accession_code 
_struct_ref_seq_dif.db_mon_id 
_struct_ref_seq_dif.pdbx_seq_db_seq_num 
_struct_ref_seq_dif.details 
_struct_ref_seq_dif.pdbx_auth_seq_num 
_struct_ref_seq_dif.pdbx_ordinal 
1 1KW4 MET A 1  ? UNP P39769 PRO 1497 'cloning artifact'    1  1  
1 1KW4 GLU A 2  ? UNP P39769 LYS 1498 'cloning artifact'    2  2  
1 1KW4 THR A 3  ? UNP P39769 SER 1499 'cloning artifact'    3  3  
1 1KW4 LYS A 4  ? UNP P39769 SER 1500 'cloning artifact'    4  4  
1 1KW4 ARG A 5  ? UNP P39769 GLU 1501 'cloning artifact'    5  5  
1 1KW4 ARG A 51 ? UNP P39769 LEU 1547 'engineered mutation' 51 6  
1 1KW4 MSE A 61 ? UNP P39769 MET 1557 'modified residue'    61 7  
1 1KW4 MSE A 63 ? UNP P39769 MET 1559 'modified residue'    63 8  
1 1KW4 ARG A 82 ? UNP P39769 ?   ?    'cloning artifact'    82 9  
1 1KW4 ASP A 83 ? UNP P39769 ?   ?    'cloning artifact'    83 10 
1 1KW4 HIS A 84 ? UNP P39769 ?   ?    'expression tag'      84 11 
1 1KW4 HIS A 85 ? UNP P39769 ?   ?    'expression tag'      85 12 
1 1KW4 HIS A 86 ? UNP P39769 ?   ?    'expression tag'      86 13 
1 1KW4 HIS A 87 ? UNP P39769 ?   ?    'expression tag'      87 14 
1 1KW4 HIS A 88 ? UNP P39769 ?   ?    'expression tag'      88 15 
1 1KW4 HIS A 89 ? UNP P39769 ?   ?    'expression tag'      89 16 
# 
_pdbx_struct_assembly.id                   1 
_pdbx_struct_assembly.details              author_defined_assembly 
_pdbx_struct_assembly.method_details       ? 
_pdbx_struct_assembly.oligomeric_details   monomeric 
_pdbx_struct_assembly.oligomeric_count     1 
# 
_pdbx_struct_assembly_gen.assembly_id       1 
_pdbx_struct_assembly_gen.oper_expression   1 
_pdbx_struct_assembly_gen.asym_id_list      A,B 
# 
_pdbx_struct_oper_list.id                   1 
_pdbx_struct_oper_list.type                 'identity operation' 
_pdbx_struct_oper_list.name                 1_555 
_pdbx_struct_oper_list.symmetry_operation   x,y,z 
_pdbx_struct_oper_list.matrix[1][1]         1.0000000000 
_pdbx_struct_oper_list.matrix[1][2]         0.0000000000 
_pdbx_struct_oper_list.matrix[1][3]         0.0000000000 
_pdbx_struct_oper_list.vector[1]            0.0000000000 
_pdbx_struct_oper_list.matrix[2][1]         0.0000000000 
_pdbx_struct_oper_list.matrix[2][2]         1.0000000000 
_pdbx_struct_oper_list.matrix[2][3]         0.0000000000 
_pdbx_struct_oper_list.vector[2]            0.0000000000 
_pdbx_struct_oper_list.matrix[3][1]         0.0000000000 
_pdbx_struct_oper_list.matrix[3][2]         0.0000000000 
_pdbx_struct_oper_list.matrix[3][3]         1.0000000000 
_pdbx_struct_oper_list.vector[3]            0.0000000000 
# 
loop_
_struct_conf.conf_type_id 
_struct_conf.id 
_struct_conf.pdbx_PDB_helix_id 
_struct_conf.beg_label_comp_id 
_struct_conf.beg_label_asym_id 
_struct_conf.beg_label_seq_id 
_struct_conf.pdbx_beg_PDB_ins_code 
_struct_conf.end_label_comp_id 
_struct_conf.end_label_asym_id 
_struct_conf.end_label_seq_id 
_struct_conf.pdbx_end_PDB_ins_code 
_struct_conf.beg_auth_comp_id 
_struct_conf.beg_auth_asym_id 
_struct_conf.beg_auth_seq_id 
_struct_conf.end_auth_comp_id 
_struct_conf.end_auth_asym_id 
_struct_conf.end_auth_seq_id 
_struct_conf.pdbx_PDB_helix_class 
_struct_conf.details 
_struct_conf.pdbx_PDB_helix_length 
HELX_P HELX_P1 1 PRO A 13 ? TRP A 17 ? PRO A 13 TRP A 17 5 ? 5  
HELX_P HELX_P2 2 SER A 18 ? GLU A 28 ? SER A 18 GLU A 28 1 ? 11 
HELX_P HELX_P3 3 CYS A 32 ? ASP A 34 ? CYS A 32 ASP A 34 5 ? 3  
HELX_P HELX_P4 4 TYR A 35 ? GLN A 42 ? TYR A 35 GLN A 42 1 ? 8  
HELX_P HELX_P5 5 ASP A 45 ? LEU A 52 ? ASP A 45 LEU A 52 1 ? 8  
HELX_P HELX_P6 6 LYS A 53 ? ASN A 59 ? LYS A 53 ASN A 59 1 ? 7  
HELX_P HELX_P7 7 LYS A 64 ? LYS A 79 ? LYS A 64 LYS A 79 1 ? 16 
# 
_struct_conf_type.id          HELX_P 
_struct_conf_type.criteria    ? 
_struct_conf_type.reference   ? 
# 
loop_
_struct_conn.id 
_struct_conn.conn_type_id 
_struct_conn.pdbx_leaving_atom_flag 
_struct_conn.pdbx_PDB_id 
_struct_conn.ptnr1_label_asym_id 
_struct_conn.ptnr1_label_comp_id 
_struct_conn.ptnr1_label_seq_id 
_struct_conn.ptnr1_label_atom_id 
_struct_conn.pdbx_ptnr1_label_alt_id 
_struct_conn.pdbx_ptnr1_PDB_ins_code 
_struct_conn.pdbx_ptnr1_standard_comp_id 
_struct_conn.ptnr1_symmetry 
_struct_conn.ptnr2_label_asym_id 
_struct_conn.ptnr2_label_comp_id 
_struct_conn.ptnr2_label_seq_id 
_struct_conn.ptnr2_label_atom_id 
_struct_conn.pdbx_ptnr2_label_alt_id 
_struct_conn.pdbx_ptnr2_PDB_ins_code 
_struct_conn.ptnr1_auth_asym_id 
_struct_conn.ptnr1_auth_comp_id 
_struct_conn.ptnr1_auth_seq_id 
_struct_conn.ptnr2_auth_asym_id 
_struct_conn.ptnr2_auth_comp_id 
_struct_conn.ptnr2_auth_seq_id 
_struct_conn.ptnr2_symmetry 
_struct_conn.pdbx_ptnr3_label_atom_id 
_struct_conn.pdbx_ptnr3_label_seq_id 
_struct_conn.pdbx_ptnr3_label_comp_id 
_struct_conn.pdbx_ptnr3_label_asym_id 
_struct_conn.pdbx_ptnr3_label_alt_id 
_struct_conn.pdbx_ptnr3_PDB_ins_code 
_struct_conn.details 
_struct_conn.pdbx_dist_value 
_struct_conn.pdbx_value_order 
_struct_conn.pdbx_role 
covale1 covale both ? A ALA 60 C ? ? ? 1_555 A MSE 61 N ? ? A ALA 60 A MSE 61 1_555 ? ? ? ? ? ? ? 1.330 ? ? 
covale2 covale both ? A MSE 61 C ? ? ? 1_555 A GLY 62 N ? ? A MSE 61 A GLY 62 1_555 ? ? ? ? ? ? ? 1.331 ? ? 
covale3 covale both ? A GLY 62 C ? ? ? 1_555 A MSE 63 N ? ? A GLY 62 A MSE 63 1_555 ? ? ? ? ? ? ? 1.324 ? ? 
covale4 covale both ? A MSE 63 C ? ? ? 1_555 A LYS 64 N ? ? A MSE 63 A LYS 64 1_555 ? ? ? ? ? ? ? 1.332 ? ? 
# 
_struct_conn_type.id          covale 
_struct_conn_type.criteria    ? 
_struct_conn_type.reference   ? 
# 
loop_
_pdbx_modification_feature.ordinal 
_pdbx_modification_feature.label_comp_id 
_pdbx_modification_feature.label_asym_id 
_pdbx_modification_feature.label_seq_id 
_pdbx_modification_feature.label_alt_id 
_pdbx_modification_feature.modified_residue_label_comp_id 
_pdbx_modification_feature.modified_residue_label_asym_id 
_pdbx_modification_feature.modified_residue_label_seq_id 
_pdbx_modification_feature.modified_residue_label_alt_id 
_pdbx_modification_feature.auth_comp_id 
_pdbx_modification_feature.auth_asym_id 
_pdbx_modification_feature.auth_seq_id 
_pdbx_modification_feature.PDB_ins_code 
_pdbx_modification_feature.symmetry 
_pdbx_modification_feature.modified_residue_auth_comp_id 
_pdbx_modification_feature.modified_residue_auth_asym_id 
_pdbx_modification_feature.modified_residue_auth_seq_id 
_pdbx_modification_feature.modified_residue_PDB_ins_code 
_pdbx_modification_feature.modified_residue_symmetry 
_pdbx_modification_feature.comp_id_linking_atom 
_pdbx_modification_feature.modified_residue_id_linking_atom 
_pdbx_modification_feature.modified_residue_id 
_pdbx_modification_feature.ref_pcm_id 
_pdbx_modification_feature.ref_comp_id 
_pdbx_modification_feature.type 
_pdbx_modification_feature.category 
1 MSE A 61 ? . . . . MSE A 61 ? 1_555 . . . . . . . MET 1 MSE Selenomethionine 'Named protein modification' 
2 MSE A 63 ? . . . . MSE A 63 ? 1_555 . . . . . . . MET 1 MSE Selenomethionine 'Named protein modification' 
# 
_pdbx_entry_details.entry_id                   1KW4 
_pdbx_entry_details.compound_details           ? 
_pdbx_entry_details.source_details             ? 
_pdbx_entry_details.nonpolymer_details         ? 
_pdbx_entry_details.sequence_details           ? 
_pdbx_entry_details.has_ligand_of_interest     ? 
_pdbx_entry_details.has_protein_modification   Y 
# 
loop_
_pdbx_struct_mod_residue.id 
_pdbx_struct_mod_residue.label_asym_id 
_pdbx_struct_mod_residue.label_comp_id 
_pdbx_struct_mod_residue.label_seq_id 
_pdbx_struct_mod_residue.auth_asym_id 
_pdbx_struct_mod_residue.auth_comp_id 
_pdbx_struct_mod_residue.auth_seq_id 
_pdbx_struct_mod_residue.PDB_ins_code 
_pdbx_struct_mod_residue.parent_comp_id 
_pdbx_struct_mod_residue.details 
1 A MSE 61 A MSE 61 ? MET SELENOMETHIONINE 
2 A MSE 63 A MSE 63 ? MET SELENOMETHIONINE 
# 
_pdbx_database_remark.id     300 
_pdbx_database_remark.text   
;
BIOMOLECULE: 1                                                       
THIS ENTRY CONTAINS THE CRYSTALLOGRAPHIC ASYMMETRIC UNIT            
WHICH CONSISTS OF 1 CHAIN(S). SEE REMARK 350 FOR                    
INFORMATION ON GENERATING THE BIOLOGICAL MOLECULE(S). 
THE RELEVANT BIOLOGICAL UNIT MAY BE THE 65 POLYMER. 
HOWEVER, THE EXACT STOICHIOMETRY OF THE POLYMER CANNOT 
BE STATED. 
;
# 
loop_
_pdbx_unobs_or_zero_occ_residues.id 
_pdbx_unobs_or_zero_occ_residues.PDB_model_num 
_pdbx_unobs_or_zero_occ_residues.polymer_flag 
_pdbx_unobs_or_zero_occ_residues.occupancy_flag 
_pdbx_unobs_or_zero_occ_residues.auth_asym_id 
_pdbx_unobs_or_zero_occ_residues.auth_comp_id 
_pdbx_unobs_or_zero_occ_residues.auth_seq_id 
_pdbx_unobs_or_zero_occ_residues.PDB_ins_code 
_pdbx_unobs_or_zero_occ_residues.label_asym_id 
_pdbx_unobs_or_zero_occ_residues.label_comp_id 
_pdbx_unobs_or_zero_occ_residues.label_seq_id 
1  1 Y 1 A MET 1  ? A MET 1  
2  1 Y 1 A GLU 2  ? A GLU 2  
3  1 Y 1 A THR 3  ? A THR 3  
4  1 Y 1 A LYS 4  ? A LYS 4  
5  1 Y 1 A ARG 5  ? A ARG 5  
6  1 Y 1 A VAL 6  ? A VAL 6  
7  1 Y 1 A ASN 7  ? A ASN 7  
8  1 Y 1 A GLY 8  ? A GLY 8  
9  1 Y 1 A THR 9  ? A THR 9  
10 1 Y 1 A GLU 80 ? A GLU 80 
11 1 Y 1 A VAL 81 ? A VAL 81 
12 1 Y 1 A ARG 82 ? A ARG 82 
13 1 Y 1 A ASP 83 ? A ASP 83 
14 1 Y 1 A HIS 84 ? A HIS 84 
15 1 Y 1 A HIS 85 ? A HIS 85 
16 1 Y 1 A HIS 86 ? A HIS 86 
17 1 Y 1 A HIS 87 ? A HIS 87 
18 1 Y 1 A HIS 88 ? A HIS 88 
19 1 Y 1 A HIS 89 ? A HIS 89 
# 
loop_
_chem_comp_atom.comp_id 
_chem_comp_atom.atom_id 
_chem_comp_atom.type_symbol 
_chem_comp_atom.pdbx_aromatic_flag 
_chem_comp_atom.pdbx_stereo_config 
_chem_comp_atom.pdbx_ordinal 
ALA N    N  N N 1   
ALA CA   C  N S 2   
ALA C    C  N N 3   
ALA O    O  N N 4   
ALA CB   C  N N 5   
ALA OXT  O  N N 6   
ALA H    H  N N 7   
ALA H2   H  N N 8   
ALA HA   H  N N 9   
ALA HB1  H  N N 10  
ALA HB2  H  N N 11  
ALA HB3  H  N N 12  
ALA HXT  H  N N 13  
ARG N    N  N N 14  
ARG CA   C  N S 15  
ARG C    C  N N 16  
ARG O    O  N N 17  
ARG CB   C  N N 18  
ARG CG   C  N N 19  
ARG CD   C  N N 20  
ARG NE   N  N N 21  
ARG CZ   C  N N 22  
ARG NH1  N  N N 23  
ARG NH2  N  N N 24  
ARG OXT  O  N N 25  
ARG H    H  N N 26  
ARG H2   H  N N 27  
ARG HA   H  N N 28  
ARG HB2  H  N N 29  
ARG HB3  H  N N 30  
ARG HG2  H  N N 31  
ARG HG3  H  N N 32  
ARG HD2  H  N N 33  
ARG HD3  H  N N 34  
ARG HE   H  N N 35  
ARG HH11 H  N N 36  
ARG HH12 H  N N 37  
ARG HH21 H  N N 38  
ARG HH22 H  N N 39  
ARG HXT  H  N N 40  
ASN N    N  N N 41  
ASN CA   C  N S 42  
ASN C    C  N N 43  
ASN O    O  N N 44  
ASN CB   C  N N 45  
ASN CG   C  N N 46  
ASN OD1  O  N N 47  
ASN ND2  N  N N 48  
ASN OXT  O  N N 49  
ASN H    H  N N 50  
ASN H2   H  N N 51  
ASN HA   H  N N 52  
ASN HB2  H  N N 53  
ASN HB3  H  N N 54  
ASN HD21 H  N N 55  
ASN HD22 H  N N 56  
ASN HXT  H  N N 57  
ASP N    N  N N 58  
ASP CA   C  N S 59  
ASP C    C  N N 60  
ASP O    O  N N 61  
ASP CB   C  N N 62  
ASP CG   C  N N 63  
ASP OD1  O  N N 64  
ASP OD2  O  N N 65  
ASP OXT  O  N N 66  
ASP H    H  N N 67  
ASP H2   H  N N 68  
ASP HA   H  N N 69  
ASP HB2  H  N N 70  
ASP HB3  H  N N 71  
ASP HD2  H  N N 72  
ASP HXT  H  N N 73  
CYS N    N  N N 74  
CYS CA   C  N R 75  
CYS C    C  N N 76  
CYS O    O  N N 77  
CYS CB   C  N N 78  
CYS SG   S  N N 79  
CYS OXT  O  N N 80  
CYS H    H  N N 81  
CYS H2   H  N N 82  
CYS HA   H  N N 83  
CYS HB2  H  N N 84  
CYS HB3  H  N N 85  
CYS HG   H  N N 86  
CYS HXT  H  N N 87  
GLN N    N  N N 88  
GLN CA   C  N S 89  
GLN C    C  N N 90  
GLN O    O  N N 91  
GLN CB   C  N N 92  
GLN CG   C  N N 93  
GLN CD   C  N N 94  
GLN OE1  O  N N 95  
GLN NE2  N  N N 96  
GLN OXT  O  N N 97  
GLN H    H  N N 98  
GLN H2   H  N N 99  
GLN HA   H  N N 100 
GLN HB2  H  N N 101 
GLN HB3  H  N N 102 
GLN HG2  H  N N 103 
GLN HG3  H  N N 104 
GLN HE21 H  N N 105 
GLN HE22 H  N N 106 
GLN HXT  H  N N 107 
GLU N    N  N N 108 
GLU CA   C  N S 109 
GLU C    C  N N 110 
GLU O    O  N N 111 
GLU CB   C  N N 112 
GLU CG   C  N N 113 
GLU CD   C  N N 114 
GLU OE1  O  N N 115 
GLU OE2  O  N N 116 
GLU OXT  O  N N 117 
GLU H    H  N N 118 
GLU H2   H  N N 119 
GLU HA   H  N N 120 
GLU HB2  H  N N 121 
GLU HB3  H  N N 122 
GLU HG2  H  N N 123 
GLU HG3  H  N N 124 
GLU HE2  H  N N 125 
GLU HXT  H  N N 126 
GLY N    N  N N 127 
GLY CA   C  N N 128 
GLY C    C  N N 129 
GLY O    O  N N 130 
GLY OXT  O  N N 131 
GLY H    H  N N 132 
GLY H2   H  N N 133 
GLY HA2  H  N N 134 
GLY HA3  H  N N 135 
GLY HXT  H  N N 136 
HIS N    N  N N 137 
HIS CA   C  N S 138 
HIS C    C  N N 139 
HIS O    O  N N 140 
HIS CB   C  N N 141 
HIS CG   C  Y N 142 
HIS ND1  N  Y N 143 
HIS CD2  C  Y N 144 
HIS CE1  C  Y N 145 
HIS NE2  N  Y N 146 
HIS OXT  O  N N 147 
HIS H    H  N N 148 
HIS H2   H  N N 149 
HIS HA   H  N N 150 
HIS HB2  H  N N 151 
HIS HB3  H  N N 152 
HIS HD1  H  N N 153 
HIS HD2  H  N N 154 
HIS HE1  H  N N 155 
HIS HE2  H  N N 156 
HIS HXT  H  N N 157 
HOH O    O  N N 158 
HOH H1   H  N N 159 
HOH H2   H  N N 160 
ILE N    N  N N 161 
ILE CA   C  N S 162 
ILE C    C  N N 163 
ILE O    O  N N 164 
ILE CB   C  N S 165 
ILE CG1  C  N N 166 
ILE CG2  C  N N 167 
ILE CD1  C  N N 168 
ILE OXT  O  N N 169 
ILE H    H  N N 170 
ILE H2   H  N N 171 
ILE HA   H  N N 172 
ILE HB   H  N N 173 
ILE HG12 H  N N 174 
ILE HG13 H  N N 175 
ILE HG21 H  N N 176 
ILE HG22 H  N N 177 
ILE HG23 H  N N 178 
ILE HD11 H  N N 179 
ILE HD12 H  N N 180 
ILE HD13 H  N N 181 
ILE HXT  H  N N 182 
LEU N    N  N N 183 
LEU CA   C  N S 184 
LEU C    C  N N 185 
LEU O    O  N N 186 
LEU CB   C  N N 187 
LEU CG   C  N N 188 
LEU CD1  C  N N 189 
LEU CD2  C  N N 190 
LEU OXT  O  N N 191 
LEU H    H  N N 192 
LEU H2   H  N N 193 
LEU HA   H  N N 194 
LEU HB2  H  N N 195 
LEU HB3  H  N N 196 
LEU HG   H  N N 197 
LEU HD11 H  N N 198 
LEU HD12 H  N N 199 
LEU HD13 H  N N 200 
LEU HD21 H  N N 201 
LEU HD22 H  N N 202 
LEU HD23 H  N N 203 
LEU HXT  H  N N 204 
LYS N    N  N N 205 
LYS CA   C  N S 206 
LYS C    C  N N 207 
LYS O    O  N N 208 
LYS CB   C  N N 209 
LYS CG   C  N N 210 
LYS CD   C  N N 211 
LYS CE   C  N N 212 
LYS NZ   N  N N 213 
LYS OXT  O  N N 214 
LYS H    H  N N 215 
LYS H2   H  N N 216 
LYS HA   H  N N 217 
LYS HB2  H  N N 218 
LYS HB3  H  N N 219 
LYS HG2  H  N N 220 
LYS HG3  H  N N 221 
LYS HD2  H  N N 222 
LYS HD3  H  N N 223 
LYS HE2  H  N N 224 
LYS HE3  H  N N 225 
LYS HZ1  H  N N 226 
LYS HZ2  H  N N 227 
LYS HZ3  H  N N 228 
LYS HXT  H  N N 229 
MET N    N  N N 230 
MET CA   C  N S 231 
MET C    C  N N 232 
MET O    O  N N 233 
MET CB   C  N N 234 
MET CG   C  N N 235 
MET SD   S  N N 236 
MET CE   C  N N 237 
MET OXT  O  N N 238 
MET H    H  N N 239 
MET H2   H  N N 240 
MET HA   H  N N 241 
MET HB2  H  N N 242 
MET HB3  H  N N 243 
MET HG2  H  N N 244 
MET HG3  H  N N 245 
MET HE1  H  N N 246 
MET HE2  H  N N 247 
MET HE3  H  N N 248 
MET HXT  H  N N 249 
MSE N    N  N N 250 
MSE CA   C  N S 251 
MSE C    C  N N 252 
MSE O    O  N N 253 
MSE OXT  O  N N 254 
MSE CB   C  N N 255 
MSE CG   C  N N 256 
MSE SE   SE N N 257 
MSE CE   C  N N 258 
MSE H    H  N N 259 
MSE H2   H  N N 260 
MSE HA   H  N N 261 
MSE HXT  H  N N 262 
MSE HB2  H  N N 263 
MSE HB3  H  N N 264 
MSE HG2  H  N N 265 
MSE HG3  H  N N 266 
MSE HE1  H  N N 267 
MSE HE2  H  N N 268 
MSE HE3  H  N N 269 
PHE N    N  N N 270 
PHE CA   C  N S 271 
PHE C    C  N N 272 
PHE O    O  N N 273 
PHE CB   C  N N 274 
PHE CG   C  Y N 275 
PHE CD1  C  Y N 276 
PHE CD2  C  Y N 277 
PHE CE1  C  Y N 278 
PHE CE2  C  Y N 279 
PHE CZ   C  Y N 280 
PHE OXT  O  N N 281 
PHE H    H  N N 282 
PHE H2   H  N N 283 
PHE HA   H  N N 284 
PHE HB2  H  N N 285 
PHE HB3  H  N N 286 
PHE HD1  H  N N 287 
PHE HD2  H  N N 288 
PHE HE1  H  N N 289 
PHE HE2  H  N N 290 
PHE HZ   H  N N 291 
PHE HXT  H  N N 292 
PRO N    N  N N 293 
PRO CA   C  N S 294 
PRO C    C  N N 295 
PRO O    O  N N 296 
PRO CB   C  N N 297 
PRO CG   C  N N 298 
PRO CD   C  N N 299 
PRO OXT  O  N N 300 
PRO H    H  N N 301 
PRO HA   H  N N 302 
PRO HB2  H  N N 303 
PRO HB3  H  N N 304 
PRO HG2  H  N N 305 
PRO HG3  H  N N 306 
PRO HD2  H  N N 307 
PRO HD3  H  N N 308 
PRO HXT  H  N N 309 
SER N    N  N N 310 
SER CA   C  N S 311 
SER C    C  N N 312 
SER O    O  N N 313 
SER CB   C  N N 314 
SER OG   O  N N 315 
SER OXT  O  N N 316 
SER H    H  N N 317 
SER H2   H  N N 318 
SER HA   H  N N 319 
SER HB2  H  N N 320 
SER HB3  H  N N 321 
SER HG   H  N N 322 
SER HXT  H  N N 323 
THR N    N  N N 324 
THR CA   C  N S 325 
THR C    C  N N 326 
THR O    O  N N 327 
THR CB   C  N R 328 
THR OG1  O  N N 329 
THR CG2  C  N N 330 
THR OXT  O  N N 331 
THR H    H  N N 332 
THR H2   H  N N 333 
THR HA   H  N N 334 
THR HB   H  N N 335 
THR HG1  H  N N 336 
THR HG21 H  N N 337 
THR HG22 H  N N 338 
THR HG23 H  N N 339 
THR HXT  H  N N 340 
TRP N    N  N N 341 
TRP CA   C  N S 342 
TRP C    C  N N 343 
TRP O    O  N N 344 
TRP CB   C  N N 345 
TRP CG   C  Y N 346 
TRP CD1  C  Y N 347 
TRP CD2  C  Y N 348 
TRP NE1  N  Y N 349 
TRP CE2  C  Y N 350 
TRP CE3  C  Y N 351 
TRP CZ2  C  Y N 352 
TRP CZ3  C  Y N 353 
TRP CH2  C  Y N 354 
TRP OXT  O  N N 355 
TRP H    H  N N 356 
TRP H2   H  N N 357 
TRP HA   H  N N 358 
TRP HB2  H  N N 359 
TRP HB3  H  N N 360 
TRP HD1  H  N N 361 
TRP HE1  H  N N 362 
TRP HE3  H  N N 363 
TRP HZ2  H  N N 364 
TRP HZ3  H  N N 365 
TRP HH2  H  N N 366 
TRP HXT  H  N N 367 
TYR N    N  N N 368 
TYR CA   C  N S 369 
TYR C    C  N N 370 
TYR O    O  N N 371 
TYR CB   C  N N 372 
TYR CG   C  Y N 373 
TYR CD1  C  Y N 374 
TYR CD2  C  Y N 375 
TYR CE1  C  Y N 376 
TYR CE2  C  Y N 377 
TYR CZ   C  Y N 378 
TYR OH   O  N N 379 
TYR OXT  O  N N 380 
TYR H    H  N N 381 
TYR H2   H  N N 382 
TYR HA   H  N N 383 
TYR HB2  H  N N 384 
TYR HB3  H  N N 385 
TYR HD1  H  N N 386 
TYR HD2  H  N N 387 
TYR HE1  H  N N 388 
TYR HE2  H  N N 389 
TYR HH   H  N N 390 
TYR HXT  H  N N 391 
VAL N    N  N N 392 
VAL CA   C  N S 393 
VAL C    C  N N 394 
VAL O    O  N N 395 
VAL CB   C  N N 396 
VAL CG1  C  N N 397 
VAL CG2  C  N N 398 
VAL OXT  O  N N 399 
VAL H    H  N N 400 
VAL H2   H  N N 401 
VAL HA   H  N N 402 
VAL HB   H  N N 403 
VAL HG11 H  N N 404 
VAL HG12 H  N N 405 
VAL HG13 H  N N 406 
VAL HG21 H  N N 407 
VAL HG22 H  N N 408 
VAL HG23 H  N N 409 
VAL HXT  H  N N 410 
# 
loop_
_chem_comp_bond.comp_id 
_chem_comp_bond.atom_id_1 
_chem_comp_bond.atom_id_2 
_chem_comp_bond.value_order 
_chem_comp_bond.pdbx_aromatic_flag 
_chem_comp_bond.pdbx_stereo_config 
_chem_comp_bond.pdbx_ordinal 
ALA N   CA   sing N N 1   
ALA N   H    sing N N 2   
ALA N   H2   sing N N 3   
ALA CA  C    sing N N 4   
ALA CA  CB   sing N N 5   
ALA CA  HA   sing N N 6   
ALA C   O    doub N N 7   
ALA C   OXT  sing N N 8   
ALA CB  HB1  sing N N 9   
ALA CB  HB2  sing N N 10  
ALA CB  HB3  sing N N 11  
ALA OXT HXT  sing N N 12  
ARG N   CA   sing N N 13  
ARG N   H    sing N N 14  
ARG N   H2   sing N N 15  
ARG CA  C    sing N N 16  
ARG CA  CB   sing N N 17  
ARG CA  HA   sing N N 18  
ARG C   O    doub N N 19  
ARG C   OXT  sing N N 20  
ARG CB  CG   sing N N 21  
ARG CB  HB2  sing N N 22  
ARG CB  HB3  sing N N 23  
ARG CG  CD   sing N N 24  
ARG CG  HG2  sing N N 25  
ARG CG  HG3  sing N N 26  
ARG CD  NE   sing N N 27  
ARG CD  HD2  sing N N 28  
ARG CD  HD3  sing N N 29  
ARG NE  CZ   sing N N 30  
ARG NE  HE   sing N N 31  
ARG CZ  NH1  sing N N 32  
ARG CZ  NH2  doub N N 33  
ARG NH1 HH11 sing N N 34  
ARG NH1 HH12 sing N N 35  
ARG NH2 HH21 sing N N 36  
ARG NH2 HH22 sing N N 37  
ARG OXT HXT  sing N N 38  
ASN N   CA   sing N N 39  
ASN N   H    sing N N 40  
ASN N   H2   sing N N 41  
ASN CA  C    sing N N 42  
ASN CA  CB   sing N N 43  
ASN CA  HA   sing N N 44  
ASN C   O    doub N N 45  
ASN C   OXT  sing N N 46  
ASN CB  CG   sing N N 47  
ASN CB  HB2  sing N N 48  
ASN CB  HB3  sing N N 49  
ASN CG  OD1  doub N N 50  
ASN CG  ND2  sing N N 51  
ASN ND2 HD21 sing N N 52  
ASN ND2 HD22 sing N N 53  
ASN OXT HXT  sing N N 54  
ASP N   CA   sing N N 55  
ASP N   H    sing N N 56  
ASP N   H2   sing N N 57  
ASP CA  C    sing N N 58  
ASP CA  CB   sing N N 59  
ASP CA  HA   sing N N 60  
ASP C   O    doub N N 61  
ASP C   OXT  sing N N 62  
ASP CB  CG   sing N N 63  
ASP CB  HB2  sing N N 64  
ASP CB  HB3  sing N N 65  
ASP CG  OD1  doub N N 66  
ASP CG  OD2  sing N N 67  
ASP OD2 HD2  sing N N 68  
ASP OXT HXT  sing N N 69  
CYS N   CA   sing N N 70  
CYS N   H    sing N N 71  
CYS N   H2   sing N N 72  
CYS CA  C    sing N N 73  
CYS CA  CB   sing N N 74  
CYS CA  HA   sing N N 75  
CYS C   O    doub N N 76  
CYS C   OXT  sing N N 77  
CYS CB  SG   sing N N 78  
CYS CB  HB2  sing N N 79  
CYS CB  HB3  sing N N 80  
CYS SG  HG   sing N N 81  
CYS OXT HXT  sing N N 82  
GLN N   CA   sing N N 83  
GLN N   H    sing N N 84  
GLN N   H2   sing N N 85  
GLN CA  C    sing N N 86  
GLN CA  CB   sing N N 87  
GLN CA  HA   sing N N 88  
GLN C   O    doub N N 89  
GLN C   OXT  sing N N 90  
GLN CB  CG   sing N N 91  
GLN CB  HB2  sing N N 92  
GLN CB  HB3  sing N N 93  
GLN CG  CD   sing N N 94  
GLN CG  HG2  sing N N 95  
GLN CG  HG3  sing N N 96  
GLN CD  OE1  doub N N 97  
GLN CD  NE2  sing N N 98  
GLN NE2 HE21 sing N N 99  
GLN NE2 HE22 sing N N 100 
GLN OXT HXT  sing N N 101 
GLU N   CA   sing N N 102 
GLU N   H    sing N N 103 
GLU N   H2   sing N N 104 
GLU CA  C    sing N N 105 
GLU CA  CB   sing N N 106 
GLU CA  HA   sing N N 107 
GLU C   O    doub N N 108 
GLU C   OXT  sing N N 109 
GLU CB  CG   sing N N 110 
GLU CB  HB2  sing N N 111 
GLU CB  HB3  sing N N 112 
GLU CG  CD   sing N N 113 
GLU CG  HG2  sing N N 114 
GLU CG  HG3  sing N N 115 
GLU CD  OE1  doub N N 116 
GLU CD  OE2  sing N N 117 
GLU OE2 HE2  sing N N 118 
GLU OXT HXT  sing N N 119 
GLY N   CA   sing N N 120 
GLY N   H    sing N N 121 
GLY N   H2   sing N N 122 
GLY CA  C    sing N N 123 
GLY CA  HA2  sing N N 124 
GLY CA  HA3  sing N N 125 
GLY C   O    doub N N 126 
GLY C   OXT  sing N N 127 
GLY OXT HXT  sing N N 128 
HIS N   CA   sing N N 129 
HIS N   H    sing N N 130 
HIS N   H2   sing N N 131 
HIS CA  C    sing N N 132 
HIS CA  CB   sing N N 133 
HIS CA  HA   sing N N 134 
HIS C   O    doub N N 135 
HIS C   OXT  sing N N 136 
HIS CB  CG   sing N N 137 
HIS CB  HB2  sing N N 138 
HIS CB  HB3  sing N N 139 
HIS CG  ND1  sing Y N 140 
HIS CG  CD2  doub Y N 141 
HIS ND1 CE1  doub Y N 142 
HIS ND1 HD1  sing N N 143 
HIS CD2 NE2  sing Y N 144 
HIS CD2 HD2  sing N N 145 
HIS CE1 NE2  sing Y N 146 
HIS CE1 HE1  sing N N 147 
HIS NE2 HE2  sing N N 148 
HIS OXT HXT  sing N N 149 
HOH O   H1   sing N N 150 
HOH O   H2   sing N N 151 
ILE N   CA   sing N N 152 
ILE N   H    sing N N 153 
ILE N   H2   sing N N 154 
ILE CA  C    sing N N 155 
ILE CA  CB   sing N N 156 
ILE CA  HA   sing N N 157 
ILE C   O    doub N N 158 
ILE C   OXT  sing N N 159 
ILE CB  CG1  sing N N 160 
ILE CB  CG2  sing N N 161 
ILE CB  HB   sing N N 162 
ILE CG1 CD1  sing N N 163 
ILE CG1 HG12 sing N N 164 
ILE CG1 HG13 sing N N 165 
ILE CG2 HG21 sing N N 166 
ILE CG2 HG22 sing N N 167 
ILE CG2 HG23 sing N N 168 
ILE CD1 HD11 sing N N 169 
ILE CD1 HD12 sing N N 170 
ILE CD1 HD13 sing N N 171 
ILE OXT HXT  sing N N 172 
LEU N   CA   sing N N 173 
LEU N   H    sing N N 174 
LEU N   H2   sing N N 175 
LEU CA  C    sing N N 176 
LEU CA  CB   sing N N 177 
LEU CA  HA   sing N N 178 
LEU C   O    doub N N 179 
LEU C   OXT  sing N N 180 
LEU CB  CG   sing N N 181 
LEU CB  HB2  sing N N 182 
LEU CB  HB3  sing N N 183 
LEU CG  CD1  sing N N 184 
LEU CG  CD2  sing N N 185 
LEU CG  HG   sing N N 186 
LEU CD1 HD11 sing N N 187 
LEU CD1 HD12 sing N N 188 
LEU CD1 HD13 sing N N 189 
LEU CD2 HD21 sing N N 190 
LEU CD2 HD22 sing N N 191 
LEU CD2 HD23 sing N N 192 
LEU OXT HXT  sing N N 193 
LYS N   CA   sing N N 194 
LYS N   H    sing N N 195 
LYS N   H2   sing N N 196 
LYS CA  C    sing N N 197 
LYS CA  CB   sing N N 198 
LYS CA  HA   sing N N 199 
LYS C   O    doub N N 200 
LYS C   OXT  sing N N 201 
LYS CB  CG   sing N N 202 
LYS CB  HB2  sing N N 203 
LYS CB  HB3  sing N N 204 
LYS CG  CD   sing N N 205 
LYS CG  HG2  sing N N 206 
LYS CG  HG3  sing N N 207 
LYS CD  CE   sing N N 208 
LYS CD  HD2  sing N N 209 
LYS CD  HD3  sing N N 210 
LYS CE  NZ   sing N N 211 
LYS CE  HE2  sing N N 212 
LYS CE  HE3  sing N N 213 
LYS NZ  HZ1  sing N N 214 
LYS NZ  HZ2  sing N N 215 
LYS NZ  HZ3  sing N N 216 
LYS OXT HXT  sing N N 217 
MET N   CA   sing N N 218 
MET N   H    sing N N 219 
MET N   H2   sing N N 220 
MET CA  C    sing N N 221 
MET CA  CB   sing N N 222 
MET CA  HA   sing N N 223 
MET C   O    doub N N 224 
MET C   OXT  sing N N 225 
MET CB  CG   sing N N 226 
MET CB  HB2  sing N N 227 
MET CB  HB3  sing N N 228 
MET CG  SD   sing N N 229 
MET CG  HG2  sing N N 230 
MET CG  HG3  sing N N 231 
MET SD  CE   sing N N 232 
MET CE  HE1  sing N N 233 
MET CE  HE2  sing N N 234 
MET CE  HE3  sing N N 235 
MET OXT HXT  sing N N 236 
MSE N   CA   sing N N 237 
MSE N   H    sing N N 238 
MSE N   H2   sing N N 239 
MSE CA  C    sing N N 240 
MSE CA  CB   sing N N 241 
MSE CA  HA   sing N N 242 
MSE C   O    doub N N 243 
MSE C   OXT  sing N N 244 
MSE OXT HXT  sing N N 245 
MSE CB  CG   sing N N 246 
MSE CB  HB2  sing N N 247 
MSE CB  HB3  sing N N 248 
MSE CG  SE   sing N N 249 
MSE CG  HG2  sing N N 250 
MSE CG  HG3  sing N N 251 
MSE SE  CE   sing N N 252 
MSE CE  HE1  sing N N 253 
MSE CE  HE2  sing N N 254 
MSE CE  HE3  sing N N 255 
PHE N   CA   sing N N 256 
PHE N   H    sing N N 257 
PHE N   H2   sing N N 258 
PHE CA  C    sing N N 259 
PHE CA  CB   sing N N 260 
PHE CA  HA   sing N N 261 
PHE C   O    doub N N 262 
PHE C   OXT  sing N N 263 
PHE CB  CG   sing N N 264 
PHE CB  HB2  sing N N 265 
PHE CB  HB3  sing N N 266 
PHE CG  CD1  doub Y N 267 
PHE CG  CD2  sing Y N 268 
PHE CD1 CE1  sing Y N 269 
PHE CD1 HD1  sing N N 270 
PHE CD2 CE2  doub Y N 271 
PHE CD2 HD2  sing N N 272 
PHE CE1 CZ   doub Y N 273 
PHE CE1 HE1  sing N N 274 
PHE CE2 CZ   sing Y N 275 
PHE CE2 HE2  sing N N 276 
PHE CZ  HZ   sing N N 277 
PHE OXT HXT  sing N N 278 
PRO N   CA   sing N N 279 
PRO N   CD   sing N N 280 
PRO N   H    sing N N 281 
PRO CA  C    sing N N 282 
PRO CA  CB   sing N N 283 
PRO CA  HA   sing N N 284 
PRO C   O    doub N N 285 
PRO C   OXT  sing N N 286 
PRO CB  CG   sing N N 287 
PRO CB  HB2  sing N N 288 
PRO CB  HB3  sing N N 289 
PRO CG  CD   sing N N 290 
PRO CG  HG2  sing N N 291 
PRO CG  HG3  sing N N 292 
PRO CD  HD2  sing N N 293 
PRO CD  HD3  sing N N 294 
PRO OXT HXT  sing N N 295 
SER N   CA   sing N N 296 
SER N   H    sing N N 297 
SER N   H2   sing N N 298 
SER CA  C    sing N N 299 
SER CA  CB   sing N N 300 
SER CA  HA   sing N N 301 
SER C   O    doub N N 302 
SER C   OXT  sing N N 303 
SER CB  OG   sing N N 304 
SER CB  HB2  sing N N 305 
SER CB  HB3  sing N N 306 
SER OG  HG   sing N N 307 
SER OXT HXT  sing N N 308 
THR N   CA   sing N N 309 
THR N   H    sing N N 310 
THR N   H2   sing N N 311 
THR CA  C    sing N N 312 
THR CA  CB   sing N N 313 
THR CA  HA   sing N N 314 
THR C   O    doub N N 315 
THR C   OXT  sing N N 316 
THR CB  OG1  sing N N 317 
THR CB  CG2  sing N N 318 
THR CB  HB   sing N N 319 
THR OG1 HG1  sing N N 320 
THR CG2 HG21 sing N N 321 
THR CG2 HG22 sing N N 322 
THR CG2 HG23 sing N N 323 
THR OXT HXT  sing N N 324 
TRP N   CA   sing N N 325 
TRP N   H    sing N N 326 
TRP N   H2   sing N N 327 
TRP CA  C    sing N N 328 
TRP CA  CB   sing N N 329 
TRP CA  HA   sing N N 330 
TRP C   O    doub N N 331 
TRP C   OXT  sing N N 332 
TRP CB  CG   sing N N 333 
TRP CB  HB2  sing N N 334 
TRP CB  HB3  sing N N 335 
TRP CG  CD1  doub Y N 336 
TRP CG  CD2  sing Y N 337 
TRP CD1 NE1  sing Y N 338 
TRP CD1 HD1  sing N N 339 
TRP CD2 CE2  doub Y N 340 
TRP CD2 CE3  sing Y N 341 
TRP NE1 CE2  sing Y N 342 
TRP NE1 HE1  sing N N 343 
TRP CE2 CZ2  sing Y N 344 
TRP CE3 CZ3  doub Y N 345 
TRP CE3 HE3  sing N N 346 
TRP CZ2 CH2  doub Y N 347 
TRP CZ2 HZ2  sing N N 348 
TRP CZ3 CH2  sing Y N 349 
TRP CZ3 HZ3  sing N N 350 
TRP CH2 HH2  sing N N 351 
TRP OXT HXT  sing N N 352 
TYR N   CA   sing N N 353 
TYR N   H    sing N N 354 
TYR N   H2   sing N N 355 
TYR CA  C    sing N N 356 
TYR CA  CB   sing N N 357 
TYR CA  HA   sing N N 358 
TYR C   O    doub N N 359 
TYR C   OXT  sing N N 360 
TYR CB  CG   sing N N 361 
TYR CB  HB2  sing N N 362 
TYR CB  HB3  sing N N 363 
TYR CG  CD1  doub Y N 364 
TYR CG  CD2  sing Y N 365 
TYR CD1 CE1  sing Y N 366 
TYR CD1 HD1  sing N N 367 
TYR CD2 CE2  doub Y N 368 
TYR CD2 HD2  sing N N 369 
TYR CE1 CZ   doub Y N 370 
TYR CE1 HE1  sing N N 371 
TYR CE2 CZ   sing Y N 372 
TYR CE2 HE2  sing N N 373 
TYR CZ  OH   sing N N 374 
TYR OH  HH   sing N N 375 
TYR OXT HXT  sing N N 376 
VAL N   CA   sing N N 377 
VAL N   H    sing N N 378 
VAL N   H2   sing N N 379 
VAL CA  C    sing N N 380 
VAL CA  CB   sing N N 381 
VAL CA  HA   sing N N 382 
VAL C   O    doub N N 383 
VAL C   OXT  sing N N 384 
VAL CB  CG1  sing N N 385 
VAL CB  CG2  sing N N 386 
VAL CB  HB   sing N N 387 
VAL CG1 HG11 sing N N 388 
VAL CG1 HG12 sing N N 389 
VAL CG1 HG13 sing N N 390 
VAL CG2 HG21 sing N N 391 
VAL CG2 HG22 sing N N 392 
VAL CG2 HG23 sing N N 393 
VAL OXT HXT  sing N N 394 
# 
_atom_sites.entry_id                    1KW4 
_atom_sites.fract_transf_matrix[1][1]   -0.00817696 
_atom_sites.fract_transf_matrix[1][2]   -0.01156909 
_atom_sites.fract_transf_matrix[1][3]   -0.01310296 
_atom_sites.fract_transf_matrix[2][1]   -0.01446728 
_atom_sites.fract_transf_matrix[2][2]   -0.01169143 
_atom_sites.fract_transf_matrix[2][3]   0.00514015 
_atom_sites.fract_transf_matrix[3][1]   -0.01468729 
_atom_sites.fract_transf_matrix[3][2]   0.01599509 
_atom_sites.fract_transf_matrix[3][3]   -0.00495699 
_atom_sites.fract_transf_vector[1]      0.731992 
_atom_sites.fract_transf_vector[2]      0.591854 
_atom_sites.fract_transf_vector[3]      0.120376 
# 
loop_
_atom_type.symbol 
C  
N  
O  
S  
SE 
# 
loop_
_atom_site.group_PDB 
_atom_site.id 
_atom_site.type_symbol 
_atom_site.label_atom_id 
_atom_site.label_alt_id 
_atom_site.label_comp_id 
_atom_site.label_asym_id 
_atom_site.label_entity_id 
_atom_site.label_seq_id 
_atom_site.pdbx_PDB_ins_code 
_atom_site.Cartn_x 
_atom_site.Cartn_y 
_atom_site.Cartn_z 
_atom_site.occupancy 
_atom_site.B_iso_or_equiv 
_atom_site.pdbx_formal_charge 
_atom_site.auth_seq_id 
_atom_site.auth_comp_id 
_atom_site.auth_asym_id 
_atom_site.auth_atom_id 
_atom_site.pdbx_PDB_model_num 
ATOM   1   N  N   . ASP A 1 10 ? 2.536   16.402  -8.763  1.00 49.23 ? 10  ASP A N   1 
ATOM   2   C  CA  . ASP A 1 10 ? 2.506   15.917  -7.353  1.00 47.44 ? 10  ASP A CA  1 
ATOM   3   C  C   . ASP A 1 10 ? 2.694   14.404  -7.290  1.00 45.48 ? 10  ASP A C   1 
ATOM   4   O  O   . ASP A 1 10 ? 3.562   13.905  -6.571  1.00 45.84 ? 10  ASP A O   1 
ATOM   5   C  CB  . ASP A 1 10 ? 1.179   16.303  -6.694  1.00 49.50 ? 10  ASP A CB  1 
ATOM   6   C  CG  . ASP A 1 10 ? 1.044   15.753  -5.289  1.00 50.69 ? 10  ASP A CG  1 
ATOM   7   O  OD1 . ASP A 1 10 ? 1.953   15.993  -4.467  1.00 52.96 ? 10  ASP A OD1 1 
ATOM   8   O  OD2 . ASP A 1 10 ? 0.027   15.084  -5.007  1.00 50.97 ? 10  ASP A OD2 1 
ATOM   9   N  N   . ARG A 1 11 ? 1.872   13.681  -8.044  1.00 41.64 ? 11  ARG A N   1 
ATOM   10  C  CA  . ARG A 1 11 ? 1.946   12.225  -8.095  1.00 37.99 ? 11  ARG A CA  1 
ATOM   11  C  C   . ARG A 1 11 ? 1.505   11.738  -9.475  1.00 32.61 ? 11  ARG A C   1 
ATOM   12  O  O   . ARG A 1 11 ? 0.472   12.166  -9.977  1.00 32.53 ? 11  ARG A O   1 
ATOM   13  C  CB  . ARG A 1 11 ? 0.987   11.583  -7.081  1.00 39.87 ? 11  ARG A CB  1 
ATOM   14  C  CG  . ARG A 1 11 ? 1.107   11.997  -5.622  1.00 43.07 ? 11  ARG A CG  1 
ATOM   15  C  CD  . ARG A 1 11 ? -0.111  11.450  -4.862  1.00 46.22 ? 11  ARG A CD  1 
ATOM   16  N  NE  . ARG A 1 11 ? -0.045  11.632  -3.412  1.00 49.34 ? 11  ARG A NE  1 
ATOM   17  C  CZ  . ARG A 1 11 ? 0.814   11.002  -2.618  1.00 49.72 ? 11  ARG A CZ  1 
ATOM   18  N  NH1 . ARG A 1 11 ? 1.687   10.145  -3.130  1.00 50.65 ? 11  ARG A NH1 1 
ATOM   19  N  NH2 . ARG A 1 11 ? 0.794   11.224  -1.308  1.00 50.21 ? 11  ARG A NH2 1 
ATOM   20  N  N   . PRO A 1 12 ? 2.282   10.848  -10.108 1.00 30.19 ? 12  PRO A N   1 
ATOM   21  C  CA  . PRO A 1 12 ? 1.846   10.363  -11.425 1.00 28.07 ? 12  PRO A CA  1 
ATOM   22  C  C   . PRO A 1 12 ? 0.710   9.365   -11.160 1.00 25.57 ? 12  PRO A C   1 
ATOM   23  O  O   . PRO A 1 12 ? 0.404   9.079   -10.000 1.00 24.88 ? 12  PRO A O   1 
ATOM   24  C  CB  . PRO A 1 12 ? 3.100   9.692   -11.975 1.00 28.00 ? 12  PRO A CB  1 
ATOM   25  C  CG  . PRO A 1 12 ? 3.794   9.206   -10.731 1.00 31.12 ? 12  PRO A CG  1 
ATOM   26  C  CD  . PRO A 1 12 ? 3.641   10.377  -9.795  1.00 29.29 ? 12  PRO A CD  1 
ATOM   27  N  N   . PRO A 1 13 ? 0.071   8.832   -12.217 1.00 23.90 ? 13  PRO A N   1 
ATOM   28  C  CA  . PRO A 1 13 ? -1.024  7.870   -12.018 1.00 23.25 ? 13  PRO A CA  1 
ATOM   29  C  C   . PRO A 1 13 ? -0.548  6.653   -11.215 1.00 21.86 ? 13  PRO A C   1 
ATOM   30  O  O   . PRO A 1 13 ? 0.566   6.168   -11.416 1.00 20.97 ? 13  PRO A O   1 
ATOM   31  C  CB  . PRO A 1 13 ? -1.422  7.494   -13.447 1.00 23.73 ? 13  PRO A CB  1 
ATOM   32  C  CG  . PRO A 1 13 ? -1.073  8.731   -14.236 1.00 23.99 ? 13  PRO A CG  1 
ATOM   33  C  CD  . PRO A 1 13 ? 0.267   9.116   -13.652 1.00 23.51 ? 13  PRO A CD  1 
ATOM   34  N  N   . ILE A 1 14 ? -1.387  6.158   -10.308 1.00 21.63 ? 14  ILE A N   1 
ATOM   35  C  CA  . ILE A 1 14 ? -1.007  5.006   -9.491  1.00 20.00 ? 14  ILE A CA  1 
ATOM   36  C  C   . ILE A 1 14 ? -0.600  3.814   -10.352 1.00 20.09 ? 14  ILE A C   1 
ATOM   37  O  O   . ILE A 1 14 ? 0.354   3.104   -10.030 1.00 18.19 ? 14  ILE A O   1 
ATOM   38  C  CB  . ILE A 1 14 ? -2.162  4.580   -8.535  1.00 22.15 ? 14  ILE A CB  1 
ATOM   39  C  CG1 . ILE A 1 14 ? -2.459  5.707   -7.545  1.00 23.42 ? 14  ILE A CG1 1 
ATOM   40  C  CG2 . ILE A 1 14 ? -1.767  3.324   -7.758  1.00 20.04 ? 14  ILE A CG2 1 
ATOM   41  C  CD1 . ILE A 1 14 ? -3.650  5.429   -6.644  1.00 28.01 ? 14  ILE A CD1 1 
ATOM   42  N  N   . SER A 1 15 ? -1.302  3.598   -11.459 1.00 19.29 ? 15  SER A N   1 
ATOM   43  C  CA  . SER A 1 15 ? -0.983  2.481   -12.336 1.00 21.21 ? 15  SER A CA  1 
ATOM   44  C  C   . SER A 1 15 ? 0.461   2.518   -12.854 1.00 21.88 ? 15  SER A C   1 
ATOM   45  O  O   . SER A 1 15 ? 0.988   1.497   -13.292 1.00 22.48 ? 15  SER A O   1 
ATOM   46  C  CB  . SER A 1 15 ? -1.965  2.435   -13.518 1.00 23.92 ? 15  SER A CB  1 
ATOM   47  O  OG  . SER A 1 15 ? -1.994  3.675   -14.207 1.00 25.96 ? 15  SER A OG  1 
ATOM   48  N  N   . SER A 1 16 ? 1.099   3.686   -12.794 1.00 20.90 ? 16  SER A N   1 
ATOM   49  C  CA  . SER A 1 16 ? 2.481   3.836   -13.256 1.00 21.73 ? 16  SER A CA  1 
ATOM   50  C  C   . SER A 1 16 ? 3.532   3.676   -12.149 1.00 22.61 ? 16  SER A C   1 
ATOM   51  O  O   . SER A 1 16 ? 4.736   3.651   -12.431 1.00 23.96 ? 16  SER A O   1 
ATOM   52  C  CB  . SER A 1 16 ? 2.676   5.209   -13.911 1.00 23.27 ? 16  SER A CB  1 
ATOM   53  O  OG  . SER A 1 16 ? 2.711   6.239   -12.927 1.00 26.74 ? 16  SER A OG  1 
ATOM   54  N  N   . TRP A 1 17 ? 3.089   3.565   -10.899 1.00 20.31 ? 17  TRP A N   1 
ATOM   55  C  CA  . TRP A 1 17 ? 4.023   3.441   -9.774  1.00 19.13 ? 17  TRP A CA  1 
ATOM   56  C  C   . TRP A 1 17 ? 4.819   2.139   -9.748  1.00 18.42 ? 17  TRP A C   1 
ATOM   57  O  O   . TRP A 1 17 ? 4.279   1.059   -9.975  1.00 19.01 ? 17  TRP A O   1 
ATOM   58  C  CB  . TRP A 1 17 ? 3.281   3.573   -8.436  1.00 18.34 ? 17  TRP A CB  1 
ATOM   59  C  CG  . TRP A 1 17 ? 2.647   4.917   -8.155  1.00 18.65 ? 17  TRP A CG  1 
ATOM   60  C  CD1 . TRP A 1 17 ? 2.537   5.985   -9.008  1.00 19.38 ? 17  TRP A CD1 1 
ATOM   61  C  CD2 . TRP A 1 17 ? 1.973   5.297   -6.950  1.00 19.02 ? 17  TRP A CD2 1 
ATOM   62  N  NE1 . TRP A 1 17 ? 1.827   7.003   -8.405  1.00 19.71 ? 17  TRP A NE1 1 
ATOM   63  C  CE2 . TRP A 1 17 ? 1.471   6.605   -7.142  1.00 21.02 ? 17  TRP A CE2 1 
ATOM   64  C  CE3 . TRP A 1 17 ? 1.743   4.655   -5.722  1.00 20.43 ? 17  TRP A CE3 1 
ATOM   65  C  CZ2 . TRP A 1 17 ? 0.748   7.282   -6.153  1.00 21.98 ? 17  TRP A CZ2 1 
ATOM   66  C  CZ3 . TRP A 1 17 ? 1.026   5.326   -4.740  1.00 20.30 ? 17  TRP A CZ3 1 
ATOM   67  C  CH2 . TRP A 1 17 ? 0.535   6.627   -4.959  1.00 21.21 ? 17  TRP A CH2 1 
ATOM   68  N  N   . SER A 1 18 ? 6.111   2.249   -9.456  1.00 19.05 ? 18  SER A N   1 
ATOM   69  C  CA  . SER A 1 18 ? 6.976   1.078   -9.359  1.00 18.59 ? 18  SER A CA  1 
ATOM   70  C  C   . SER A 1 18 ? 6.878   0.516   -7.937  1.00 19.63 ? 18  SER A C   1 
ATOM   71  O  O   . SER A 1 18 ? 6.196   1.086   -7.083  1.00 17.34 ? 18  SER A O   1 
ATOM   72  C  CB  . SER A 1 18 ? 8.428   1.474   -9.629  1.00 20.96 ? 18  SER A CB  1 
ATOM   73  O  OG  . SER A 1 18 ? 8.893   2.377   -8.635  1.00 19.93 ? 18  SER A OG  1 
ATOM   74  N  N   . VAL A 1 19 ? 7.557   -0.600  -7.684  1.00 19.19 ? 19  VAL A N   1 
ATOM   75  C  CA  . VAL A 1 19 ? 7.558   -1.180  -6.341  1.00 20.08 ? 19  VAL A CA  1 
ATOM   76  C  C   . VAL A 1 19 ? 8.204   -0.165  -5.390  1.00 20.07 ? 19  VAL A C   1 
ATOM   77  O  O   . VAL A 1 19 ? 7.724   0.046   -4.273  1.00 19.09 ? 19  VAL A O   1 
ATOM   78  C  CB  . VAL A 1 19 ? 8.350   -2.516  -6.298  1.00 20.48 ? 19  VAL A CB  1 
ATOM   79  C  CG1 . VAL A 1 19 ? 8.580   -2.955  -4.848  1.00 21.70 ? 19  VAL A CG1 1 
ATOM   80  C  CG2 . VAL A 1 19 ? 7.568   -3.606  -7.040  1.00 20.73 ? 19  VAL A CG2 1 
ATOM   81  N  N   . ASP A 1 20 ? 9.292   0.469   -5.827  1.00 20.45 ? 20  ASP A N   1 
ATOM   82  C  CA  . ASP A 1 20 ? 9.961   1.466   -4.988  1.00 22.11 ? 20  ASP A CA  1 
ATOM   83  C  C   . ASP A 1 20 ? 9.046   2.659   -4.700  1.00 21.10 ? 20  ASP A C   1 
ATOM   84  O  O   . ASP A 1 20 ? 9.050   3.192   -3.586  1.00 20.56 ? 20  ASP A O   1 
ATOM   85  C  CB  . ASP A 1 20 ? 11.257  1.964   -5.639  1.00 25.76 ? 20  ASP A CB  1 
ATOM   86  C  CG  . ASP A 1 20 ? 12.364  0.925   -5.613  1.00 29.71 ? 20  ASP A CG  1 
ATOM   87  O  OD1 . ASP A 1 20 ? 12.243  -0.071  -4.866  1.00 31.38 ? 20  ASP A OD1 1 
ATOM   88  O  OD2 . ASP A 1 20 ? 13.366  1.114   -6.336  1.00 33.61 ? 20  ASP A OD2 1 
ATOM   89  N  N   . ASP A 1 21 ? 8.268   3.078   -5.696  1.00 19.69 ? 21  ASP A N   1 
ATOM   90  C  CA  . ASP A 1 21 ? 7.340   4.199   -5.519  1.00 19.23 ? 21  ASP A CA  1 
ATOM   91  C  C   . ASP A 1 21 ? 6.300   3.851   -4.446  1.00 18.11 ? 21  ASP A C   1 
ATOM   92  O  O   . ASP A 1 21 ? 5.980   4.671   -3.585  1.00 18.25 ? 21  ASP A O   1 
ATOM   93  C  CB  . ASP A 1 21 ? 6.600   4.526   -6.828  1.00 20.71 ? 21  ASP A CB  1 
ATOM   94  C  CG  . ASP A 1 21 ? 7.502   5.142   -7.889  1.00 26.64 ? 21  ASP A CG  1 
ATOM   95  O  OD1 . ASP A 1 21 ? 8.497   5.810   -7.529  1.00 27.95 ? 21  ASP A OD1 1 
ATOM   96  O  OD2 . ASP A 1 21 ? 7.196   4.975   -9.092  1.00 26.13 ? 21  ASP A OD2 1 
ATOM   97  N  N   . VAL A 1 22 ? 5.758   2.638   -4.514  1.00 17.27 ? 22  VAL A N   1 
ATOM   98  C  CA  . VAL A 1 22 ? 4.767   2.200   -3.533  1.00 15.31 ? 22  VAL A CA  1 
ATOM   99  C  C   . VAL A 1 22 ? 5.378   2.156   -2.127  1.00 16.07 ? 22  VAL A C   1 
ATOM   100 O  O   . VAL A 1 22 ? 4.728   2.538   -1.156  1.00 17.02 ? 22  VAL A O   1 
ATOM   101 C  CB  . VAL A 1 22 ? 4.203   0.799   -3.897  1.00 14.12 ? 22  VAL A CB  1 
ATOM   102 C  CG1 . VAL A 1 22 ? 3.373   0.237   -2.730  1.00 14.20 ? 22  VAL A CG1 1 
ATOM   103 C  CG2 . VAL A 1 22 ? 3.330   0.902   -5.155  1.00 15.72 ? 22  VAL A CG2 1 
ATOM   104 N  N   . SER A 1 23 ? 6.628   1.710   -2.015  1.00 16.02 ? 23  SER A N   1 
ATOM   105 C  CA  . SER A 1 23 ? 7.273   1.631   -0.702  1.00 17.15 ? 23  SER A CA  1 
ATOM   106 C  C   . SER A 1 23 ? 7.424   3.018   -0.069  1.00 18.30 ? 23  SER A C   1 
ATOM   107 O  O   . SER A 1 23 ? 7.330   3.171   1.151   1.00 17.84 ? 23  SER A O   1 
ATOM   108 C  CB  . SER A 1 23 ? 8.644   0.940   -0.809  1.00 18.24 ? 23  SER A CB  1 
ATOM   109 O  OG  . SER A 1 23 ? 9.615   1.782   -1.403  1.00 20.10 ? 23  SER A OG  1 
ATOM   110 N  N   . ASN A 1 24 ? 7.654   4.032   -0.895  1.00 18.45 ? 24  ASN A N   1 
ATOM   111 C  CA  . ASN A 1 24 ? 7.785   5.393   -0.382  1.00 19.91 ? 24  ASN A CA  1 
ATOM   112 C  C   . ASN A 1 24 ? 6.419   5.936   0.052   1.00 20.56 ? 24  ASN A C   1 
ATOM   113 O  O   . ASN A 1 24 ? 6.315   6.685   1.029   1.00 21.39 ? 24  ASN A O   1 
ATOM   114 C  CB  . ASN A 1 24 ? 8.423   6.296   -1.444  1.00 22.51 ? 24  ASN A CB  1 
ATOM   115 C  CG  . ASN A 1 24 ? 9.932   6.115   -1.524  1.00 25.40 ? 24  ASN A CG  1 
ATOM   116 O  OD1 . ASN A 1 24 ? 10.641  6.337   -0.542  1.00 28.69 ? 24  ASN A OD1 1 
ATOM   117 N  ND2 . ASN A 1 24 ? 10.427  5.707   -2.686  1.00 26.31 ? 24  ASN A ND2 1 
ATOM   118 N  N   . PHE A 1 25 ? 5.378   5.547   -0.678  1.00 20.02 ? 25  PHE A N   1 
ATOM   119 C  CA  . PHE A 1 25 ? 4.005   5.945   -0.368  1.00 20.04 ? 25  PHE A CA  1 
ATOM   120 C  C   . PHE A 1 25 ? 3.619   5.382   1.009   1.00 20.08 ? 25  PHE A C   1 
ATOM   121 O  O   . PHE A 1 25 ? 3.068   6.094   1.855   1.00 20.76 ? 25  PHE A O   1 
ATOM   122 C  CB  . PHE A 1 25 ? 3.067   5.406   -1.460  1.00 20.35 ? 25  PHE A CB  1 
ATOM   123 C  CG  . PHE A 1 25 ? 1.597   5.503   -1.124  1.00 21.42 ? 25  PHE A CG  1 
ATOM   124 C  CD1 . PHE A 1 25 ? 0.944   6.732   -1.110  1.00 22.71 ? 25  PHE A CD1 1 
ATOM   125 C  CD2 . PHE A 1 25 ? 0.860   4.349   -0.858  1.00 21.55 ? 25  PHE A CD2 1 
ATOM   126 C  CE1 . PHE A 1 25 ? -0.422  6.814   -0.839  1.00 23.76 ? 25  PHE A CE1 1 
ATOM   127 C  CE2 . PHE A 1 25 ? -0.510  4.418   -0.586  1.00 24.37 ? 25  PHE A CE2 1 
ATOM   128 C  CZ  . PHE A 1 25 ? -1.151  5.657   -0.578  1.00 24.61 ? 25  PHE A CZ  1 
ATOM   129 N  N   . ILE A 1 26 ? 3.927   4.107   1.237   1.00 18.36 ? 26  ILE A N   1 
ATOM   130 C  CA  . ILE A 1 26 ? 3.618   3.454   2.511   1.00 17.88 ? 26  ILE A CA  1 
ATOM   131 C  C   . ILE A 1 26 ? 4.436   4.078   3.653   1.00 21.12 ? 26  ILE A C   1 
ATOM   132 O  O   . ILE A 1 26 ? 3.915   4.316   4.747   1.00 20.76 ? 26  ILE A O   1 
ATOM   133 C  CB  . ILE A 1 26 ? 3.895   1.918   2.421   1.00 18.81 ? 26  ILE A CB  1 
ATOM   134 C  CG1 . ILE A 1 26 ? 2.954   1.276   1.387   1.00 16.95 ? 26  ILE A CG1 1 
ATOM   135 C  CG2 . ILE A 1 26 ? 3.710   1.253   3.784   1.00 19.18 ? 26  ILE A CG2 1 
ATOM   136 C  CD1 . ILE A 1 26 ? 1.451   1.464   1.681   1.00 18.61 ? 26  ILE A CD1 1 
ATOM   137 N  N   . ARG A 1 27 ? 5.710   4.361   3.393   1.00 19.03 ? 27  ARG A N   1 
ATOM   138 C  CA  . ARG A 1 27 ? 6.591   4.957   4.396   1.00 22.98 ? 27  ARG A CA  1 
ATOM   139 C  C   . ARG A 1 27 ? 6.048   6.271   4.955   1.00 24.19 ? 27  ARG A C   1 
ATOM   140 O  O   . ARG A 1 27 ? 6.226   6.571   6.141   1.00 26.10 ? 27  ARG A O   1 
ATOM   141 C  CB  . ARG A 1 27 ? 7.981   5.213   3.796   1.00 24.41 ? 27  ARG A CB  1 
ATOM   142 C  CG  . ARG A 1 27 ? 8.935   5.981   4.714   1.00 27.96 ? 27  ARG A CG  1 
ATOM   143 C  CD  . ARG A 1 27 ? 9.373   5.143   5.904   1.00 31.95 ? 27  ARG A CD  1 
ATOM   144 N  NE  . ARG A 1 27 ? 10.295  5.869   6.782   1.00 36.43 ? 27  ARG A NE  1 
ATOM   145 C  CZ  . ARG A 1 27 ? 9.935   6.846   7.611   1.00 39.30 ? 27  ARG A CZ  1 
ATOM   146 N  NH1 . ARG A 1 27 ? 8.665   7.226   7.688   1.00 38.65 ? 27  ARG A NH1 1 
ATOM   147 N  NH2 . ARG A 1 27 ? 10.847  7.443   8.370   1.00 41.21 ? 27  ARG A NH2 1 
ATOM   148 N  N   . GLU A 1 28 ? 5.380   7.044   4.105   1.00 24.91 ? 28  GLU A N   1 
ATOM   149 C  CA  . GLU A 1 28 ? 4.842   8.342   4.502   1.00 29.09 ? 28  GLU A CA  1 
ATOM   150 C  C   . GLU A 1 28 ? 3.421   8.347   5.065   1.00 29.15 ? 28  GLU A C   1 
ATOM   151 O  O   . GLU A 1 28 ? 2.935   9.392   5.502   1.00 29.80 ? 28  GLU A O   1 
ATOM   152 C  CB  . GLU A 1 28 ? 4.938   9.309   3.321   1.00 33.10 ? 28  GLU A CB  1 
ATOM   153 C  CG  . GLU A 1 28 ? 6.362   9.477   2.814   1.00 39.81 ? 28  GLU A CG  1 
ATOM   154 C  CD  . GLU A 1 28 ? 6.455   10.359  1.587   1.00 44.90 ? 28  GLU A CD  1 
ATOM   155 O  OE1 . GLU A 1 28 ? 5.813   10.029  0.563   1.00 48.11 ? 28  GLU A OE1 1 
ATOM   156 O  OE2 . GLU A 1 28 ? 7.173   11.381  1.646   1.00 48.78 ? 28  GLU A OE2 1 
ATOM   157 N  N   . LEU A 1 29 ? 2.753   7.196   5.054   1.00 27.36 ? 29  LEU A N   1 
ATOM   158 C  CA  . LEU A 1 29 ? 1.399   7.101   5.603   1.00 29.21 ? 29  LEU A CA  1 
ATOM   159 C  C   . LEU A 1 29 ? 1.483   6.914   7.113   1.00 29.39 ? 29  LEU A C   1 
ATOM   160 O  O   . LEU A 1 29 ? 2.110   5.975   7.596   1.00 27.79 ? 29  LEU A O   1 
ATOM   161 C  CB  . LEU A 1 29 ? 0.636   5.920   4.992   1.00 30.60 ? 29  LEU A CB  1 
ATOM   162 C  CG  . LEU A 1 29 ? -0.237  6.187   3.769   1.00 34.16 ? 29  LEU A CG  1 
ATOM   163 C  CD1 . LEU A 1 29 ? -0.952  4.902   3.364   1.00 34.47 ? 29  LEU A CD1 1 
ATOM   164 C  CD2 . LEU A 1 29 ? -1.254  7.277   4.091   1.00 35.09 ? 29  LEU A CD2 1 
ATOM   165 N  N   . PRO A 1 30 ? 0.835   7.801   7.880   1.00 31.68 ? 30  PRO A N   1 
ATOM   166 C  CA  . PRO A 1 30 ? 0.866   7.704   9.343   1.00 32.52 ? 30  PRO A CA  1 
ATOM   167 C  C   . PRO A 1 30 ? 0.552   6.323   9.918   1.00 31.33 ? 30  PRO A C   1 
ATOM   168 O  O   . PRO A 1 30 ? -0.503  5.749   9.650   1.00 32.80 ? 30  PRO A O   1 
ATOM   169 C  CB  . PRO A 1 30 ? -0.140  8.772   9.781   1.00 34.20 ? 30  PRO A CB  1 
ATOM   170 C  CG  . PRO A 1 30 ? -1.097  8.838   8.623   1.00 35.06 ? 30  PRO A CG  1 
ATOM   171 C  CD  . PRO A 1 30 ? -0.157  8.798   7.442   1.00 33.72 ? 30  PRO A CD  1 
ATOM   172 N  N   . GLY A 1 31 ? 1.490   5.796   10.700  1.00 30.52 ? 31  GLY A N   1 
ATOM   173 C  CA  . GLY A 1 31 ? 1.312   4.497   11.327  1.00 30.67 ? 31  GLY A CA  1 
ATOM   174 C  C   . GLY A 1 31 ? 1.541   3.263   10.470  1.00 30.53 ? 31  GLY A C   1 
ATOM   175 O  O   . GLY A 1 31 ? 1.276   2.145   10.918  1.00 30.39 ? 31  GLY A O   1 
ATOM   176 N  N   . CYS A 1 32 ? 2.053   3.440   9.255   1.00 28.57 ? 32  CYS A N   1 
ATOM   177 C  CA  . CYS A 1 32 ? 2.273   2.299   8.366   1.00 27.25 ? 32  CYS A CA  1 
ATOM   178 C  C   . CYS A 1 32 ? 3.742   2.001   8.062   1.00 28.05 ? 32  CYS A C   1 
ATOM   179 O  O   . CYS A 1 32 ? 4.045   1.055   7.334   1.00 25.61 ? 32  CYS A O   1 
ATOM   180 C  CB  . CYS A 1 32 ? 1.532   2.523   7.041   1.00 28.01 ? 32  CYS A CB  1 
ATOM   181 S  SG  . CYS A 1 32 ? -0.263  2.751   7.190   1.00 29.57 ? 32  CYS A SG  1 
ATOM   182 N  N   . GLN A 1 33 ? 4.653   2.782   8.635   1.00 28.36 ? 33  GLN A N   1 
ATOM   183 C  CA  . GLN A 1 33 ? 6.076   2.592   8.361   1.00 30.92 ? 33  GLN A CA  1 
ATOM   184 C  C   . GLN A 1 33 ? 6.651   1.205   8.655   1.00 29.88 ? 33  GLN A C   1 
ATOM   185 O  O   . GLN A 1 33 ? 7.635   0.805   8.031   1.00 28.50 ? 33  GLN A O   1 
ATOM   186 C  CB  . GLN A 1 33 ? 6.900   3.662   9.087   1.00 34.46 ? 33  GLN A CB  1 
ATOM   187 C  CG  . GLN A 1 33 ? 7.025   3.476   10.585  1.00 41.03 ? 33  GLN A CG  1 
ATOM   188 C  CD  . GLN A 1 33 ? 7.729   4.648   11.248  1.00 45.62 ? 33  GLN A CD  1 
ATOM   189 O  OE1 . GLN A 1 33 ? 8.832   5.033   10.850  1.00 48.21 ? 33  GLN A OE1 1 
ATOM   190 N  NE2 . GLN A 1 33 ? 7.095   5.222   12.267  1.00 48.21 ? 33  GLN A NE2 1 
ATOM   191 N  N   . ASP A 1 34 ? 6.050   0.463   9.579   1.00 28.24 ? 34  ASP A N   1 
ATOM   192 C  CA  . ASP A 1 34 ? 6.553   -0.869  9.908   1.00 29.49 ? 34  ASP A CA  1 
ATOM   193 C  C   . ASP A 1 34 ? 6.284   -1.905  8.819   1.00 26.71 ? 34  ASP A C   1 
ATOM   194 O  O   . ASP A 1 34 ? 6.785   -3.028  8.894   1.00 27.14 ? 34  ASP A O   1 
ATOM   195 C  CB  . ASP A 1 34 ? 5.942   -1.383  11.215  1.00 34.43 ? 34  ASP A CB  1 
ATOM   196 C  CG  . ASP A 1 34 ? 6.268   -0.503  12.403  1.00 39.31 ? 34  ASP A CG  1 
ATOM   197 O  OD1 . ASP A 1 34 ? 7.440   -0.096  12.544  1.00 41.56 ? 34  ASP A OD1 1 
ATOM   198 O  OD2 . ASP A 1 34 ? 5.349   -0.230  13.206  1.00 44.39 ? 34  ASP A OD2 1 
ATOM   199 N  N   . TYR A 1 35 ? 5.504   -1.532  7.809   1.00 23.37 ? 35  TYR A N   1 
ATOM   200 C  CA  . TYR A 1 35 ? 5.159   -2.464  6.737   1.00 23.24 ? 35  TYR A CA  1 
ATOM   201 C  C   . TYR A 1 35 ? 5.875   -2.220  5.403   1.00 21.21 ? 35  TYR A C   1 
ATOM   202 O  O   . TYR A 1 35 ? 5.620   -2.916  4.419   1.00 20.67 ? 35  TYR A O   1 
ATOM   203 C  CB  . TYR A 1 35 ? 3.637   -2.445  6.533   1.00 23.77 ? 35  TYR A CB  1 
ATOM   204 C  CG  . TYR A 1 35 ? 2.866   -2.866  7.771   1.00 24.83 ? 35  TYR A CG  1 
ATOM   205 C  CD1 . TYR A 1 35 ? 2.816   -4.204  8.163   1.00 27.97 ? 35  TYR A CD1 1 
ATOM   206 C  CD2 . TYR A 1 35 ? 2.210   -1.924  8.563   1.00 26.80 ? 35  TYR A CD2 1 
ATOM   207 C  CE1 . TYR A 1 35 ? 2.130   -4.596  9.318   1.00 28.85 ? 35  TYR A CE1 1 
ATOM   208 C  CE2 . TYR A 1 35 ? 1.521   -2.304  9.722   1.00 28.38 ? 35  TYR A CE2 1 
ATOM   209 C  CZ  . TYR A 1 35 ? 1.486   -3.641  10.090  1.00 29.91 ? 35  TYR A CZ  1 
ATOM   210 O  OH  . TYR A 1 35 ? 0.808   -4.027  11.226  1.00 32.42 ? 35  TYR A OH  1 
ATOM   211 N  N   . VAL A 1 36 ? 6.786   -1.254  5.375   1.00 20.49 ? 36  VAL A N   1 
ATOM   212 C  CA  . VAL A 1 36 ? 7.516   -0.947  4.148   1.00 20.15 ? 36  VAL A CA  1 
ATOM   213 C  C   . VAL A 1 36 ? 8.245   -2.168  3.575   1.00 21.09 ? 36  VAL A C   1 
ATOM   214 O  O   . VAL A 1 36 ? 8.153   -2.444  2.381   1.00 21.37 ? 36  VAL A O   1 
ATOM   215 C  CB  . VAL A 1 36 ? 8.542   0.201   4.373   1.00 19.90 ? 36  VAL A CB  1 
ATOM   216 C  CG1 . VAL A 1 36 ? 9.449   0.344   3.158   1.00 21.74 ? 36  VAL A CG1 1 
ATOM   217 C  CG2 . VAL A 1 36 ? 7.808   1.512   4.616   1.00 20.84 ? 36  VAL A CG2 1 
ATOM   218 N  N   . ASP A 1 37 ? 8.965   -2.905  4.415   1.00 22.17 ? 37  ASP A N   1 
ATOM   219 C  CA  . ASP A 1 37 ? 9.686   -4.074  3.916   1.00 24.96 ? 37  ASP A CA  1 
ATOM   220 C  C   . ASP A 1 37 ? 8.769   -5.164  3.366   1.00 24.47 ? 37  ASP A C   1 
ATOM   221 O  O   . ASP A 1 37 ? 9.144   -5.876  2.433   1.00 26.05 ? 37  ASP A O   1 
ATOM   222 C  CB  . ASP A 1 37 ? 10.593  -4.660  5.004   1.00 26.71 ? 37  ASP A CB  1 
ATOM   223 C  CG  . ASP A 1 37 ? 11.750  -3.741  5.355   1.00 31.99 ? 37  ASP A CG  1 
ATOM   224 O  OD1 . ASP A 1 37 ? 12.105  -2.881  4.519   1.00 32.31 ? 37  ASP A OD1 1 
ATOM   225 O  OD2 . ASP A 1 37 ? 12.315  -3.888  6.462   1.00 36.14 ? 37  ASP A OD2 1 
ATOM   226 N  N   . ASP A 1 38 ? 7.576   -5.299  3.938   1.00 23.96 ? 38  ASP A N   1 
ATOM   227 C  CA  . ASP A 1 38 ? 6.624   -6.304  3.470   1.00 25.43 ? 38  ASP A CA  1 
ATOM   228 C  C   . ASP A 1 38 ? 6.150   -5.980  2.054   1.00 23.46 ? 38  ASP A C   1 
ATOM   229 O  O   . ASP A 1 38 ? 6.027   -6.876  1.215   1.00 22.31 ? 38  ASP A O   1 
ATOM   230 C  CB  . ASP A 1 38 ? 5.419   -6.393  4.409   1.00 29.45 ? 38  ASP A CB  1 
ATOM   231 C  CG  . ASP A 1 38 ? 5.802   -6.848  5.802   1.00 36.67 ? 38  ASP A CG  1 
ATOM   232 O  OD1 . ASP A 1 38 ? 6.564   -7.833  5.914   1.00 38.72 ? 38  ASP A OD1 1 
ATOM   233 O  OD2 . ASP A 1 38 ? 5.337   -6.228  6.783   1.00 40.49 ? 38  ASP A OD2 1 
ATOM   234 N  N   . PHE A 1 39 ? 5.879   -4.705  1.785   1.00 21.34 ? 39  PHE A N   1 
ATOM   235 C  CA  . PHE A 1 39 ? 5.438   -4.311  0.449   1.00 19.69 ? 39  PHE A CA  1 
ATOM   236 C  C   . PHE A 1 39 ? 6.539   -4.567  -0.578  1.00 20.05 ? 39  PHE A C   1 
ATOM   237 O  O   . PHE A 1 39 ? 6.270   -5.021  -1.695  1.00 19.33 ? 39  PHE A O   1 
ATOM   238 C  CB  . PHE A 1 39 ? 5.017   -2.830  0.423   1.00 19.24 ? 39  PHE A CB  1 
ATOM   239 C  CG  . PHE A 1 39 ? 3.597   -2.602  0.864   1.00 18.43 ? 39  PHE A CG  1 
ATOM   240 C  CD1 . PHE A 1 39 ? 3.259   -2.595  2.215   1.00 19.54 ? 39  PHE A CD1 1 
ATOM   241 C  CD2 . PHE A 1 39 ? 2.583   -2.463  -0.080  1.00 19.29 ? 39  PHE A CD2 1 
ATOM   242 C  CE1 . PHE A 1 39 ? 1.929   -2.458  2.620   1.00 21.38 ? 39  PHE A CE1 1 
ATOM   243 C  CE2 . PHE A 1 39 ? 1.250   -2.328  0.312   1.00 19.45 ? 39  PHE A CE2 1 
ATOM   244 C  CZ  . PHE A 1 39 ? 0.922   -2.327  1.663   1.00 18.95 ? 39  PHE A CZ  1 
ATOM   245 N  N   . ILE A 1 40 ? 7.785   -4.293  -0.201  1.00 19.38 ? 40  ILE A N   1 
ATOM   246 C  CA  . ILE A 1 40 ? 8.902   -4.515  -1.112  1.00 21.70 ? 40  ILE A CA  1 
ATOM   247 C  C   . ILE A 1 40 ? 9.080   -6.013  -1.360  1.00 23.94 ? 40  ILE A C   1 
ATOM   248 O  O   . ILE A 1 40 ? 9.235   -6.445  -2.507  1.00 23.13 ? 40  ILE A O   1 
ATOM   249 C  CB  . ILE A 1 40 ? 10.215  -3.916  -0.547  1.00 22.49 ? 40  ILE A CB  1 
ATOM   250 C  CG1 . ILE A 1 40 ? 10.103  -2.391  -0.492  1.00 21.95 ? 40  ILE A CG1 1 
ATOM   251 C  CG2 . ILE A 1 40 ? 11.405  -4.314  -1.430  1.00 26.48 ? 40  ILE A CG2 1 
ATOM   252 C  CD1 . ILE A 1 40 ? 11.259  -1.710  0.239   1.00 25.35 ? 40  ILE A CD1 1 
ATOM   253 N  N   . GLN A 1 41 ? 9.038   -6.800  -0.287  1.00 24.18 ? 41  GLN A N   1 
ATOM   254 C  CA  . GLN A 1 41 ? 9.202   -8.251  -0.391  1.00 27.86 ? 41  GLN A CA  1 
ATOM   255 C  C   . GLN A 1 41 ? 8.120   -8.913  -1.245  1.00 27.75 ? 41  GLN A C   1 
ATOM   256 O  O   . GLN A 1 41 ? 8.394   -9.874  -1.964  1.00 28.07 ? 41  GLN A O   1 
ATOM   257 C  CB  . GLN A 1 41 ? 9.214   -8.883  1.005   1.00 32.38 ? 41  GLN A CB  1 
ATOM   258 C  CG  . GLN A 1 41 ? 9.360   -10.401 0.994   1.00 39.83 ? 41  GLN A CG  1 
ATOM   259 C  CD  . GLN A 1 41 ? 9.354   -11.002 2.386   1.00 44.43 ? 41  GLN A CD  1 
ATOM   260 O  OE1 . GLN A 1 41 ? 8.387   -10.853 3.136   1.00 48.57 ? 41  GLN A OE1 1 
ATOM   261 N  NE2 . GLN A 1 41 ? 10.436  -11.689 2.739   1.00 48.15 ? 41  GLN A NE2 1 
ATOM   262 N  N   . GLN A 1 42 ? 6.892   -8.406  -1.171  1.00 24.44 ? 42  GLN A N   1 
ATOM   263 C  CA  . GLN A 1 42 ? 5.800   -8.977  -1.953  1.00 24.27 ? 42  GLN A CA  1 
ATOM   264 C  C   . GLN A 1 42 ? 5.693   -8.352  -3.345  1.00 22.75 ? 42  GLN A C   1 
ATOM   265 O  O   . GLN A 1 42 ? 4.768   -8.665  -4.101  1.00 22.58 ? 42  GLN A O   1 
ATOM   266 C  CB  . GLN A 1 42 ? 4.472   -8.824  -1.208  1.00 25.32 ? 42  GLN A CB  1 
ATOM   267 C  CG  . GLN A 1 42 ? 4.379   -9.642  0.076   1.00 28.26 ? 42  GLN A CG  1 
ATOM   268 C  CD  . GLN A 1 42 ? 4.602   -11.127 -0.161  1.00 31.36 ? 42  GLN A CD  1 
ATOM   269 O  OE1 . GLN A 1 42 ? 3.953   -11.736 -1.011  1.00 28.75 ? 42  GLN A OE1 1 
ATOM   270 N  NE2 . GLN A 1 42 ? 5.524   -11.715 0.593   1.00 32.71 ? 42  GLN A NE2 1 
ATOM   271 N  N   . GLU A 1 43 ? 6.646   -7.480  -3.668  1.00 20.30 ? 43  GLU A N   1 
ATOM   272 C  CA  . GLU A 1 43 ? 6.719   -6.798  -4.962  1.00 22.90 ? 43  GLU A CA  1 
ATOM   273 C  C   . GLU A 1 43 ? 5.409   -6.129  -5.370  1.00 22.29 ? 43  GLU A C   1 
ATOM   274 O  O   . GLU A 1 43 ? 4.901   -6.328  -6.480  1.00 20.43 ? 43  GLU A O   1 
ATOM   275 C  CB  . GLU A 1 43 ? 7.175   -7.786  -6.044  1.00 27.24 ? 43  GLU A CB  1 
ATOM   276 C  CG  . GLU A 1 43 ? 8.454   -8.514  -5.656  1.00 31.76 ? 43  GLU A CG  1 
ATOM   277 C  CD  . GLU A 1 43 ? 8.934   -9.485  -6.717  1.00 37.95 ? 43  GLU A CD  1 
ATOM   278 O  OE1 . GLU A 1 43 ? 8.106   -10.260 -7.239  1.00 39.41 ? 43  GLU A OE1 1 
ATOM   279 O  OE2 . GLU A 1 43 ? 10.148  -9.482  -7.016  1.00 43.13 ? 43  GLU A OE2 1 
ATOM   280 N  N   . ILE A 1 44 ? 4.875   -5.319  -4.463  1.00 19.22 ? 44  ILE A N   1 
ATOM   281 C  CA  . ILE A 1 44 ? 3.634   -4.604  -4.718  1.00 18.03 ? 44  ILE A CA  1 
ATOM   282 C  C   . ILE A 1 44 ? 3.928   -3.306  -5.480  1.00 18.10 ? 44  ILE A C   1 
ATOM   283 O  O   . ILE A 1 44 ? 4.503   -2.369  -4.916  1.00 17.22 ? 44  ILE A O   1 
ATOM   284 C  CB  . ILE A 1 44 ? 2.920   -4.223  -3.385  1.00 19.33 ? 44  ILE A CB  1 
ATOM   285 C  CG1 . ILE A 1 44 ? 2.689   -5.469  -2.513  1.00 21.51 ? 44  ILE A CG1 1 
ATOM   286 C  CG2 . ILE A 1 44 ? 1.607   -3.492  -3.685  1.00 17.97 ? 44  ILE A CG2 1 
ATOM   287 C  CD1 . ILE A 1 44 ? 1.693   -6.462  -3.059  1.00 24.86 ? 44  ILE A CD1 1 
ATOM   288 N  N   . ASP A 1 45 ? 3.566   -3.257  -6.761  1.00 17.88 ? 45  ASP A N   1 
ATOM   289 C  CA  . ASP A 1 45 ? 3.741   -2.035  -7.543  1.00 19.18 ? 45  ASP A CA  1 
ATOM   290 C  C   . ASP A 1 45 ? 2.366   -1.370  -7.618  1.00 18.48 ? 45  ASP A C   1 
ATOM   291 O  O   . ASP A 1 45 ? 1.426   -1.840  -6.980  1.00 18.24 ? 45  ASP A O   1 
ATOM   292 C  CB  . ASP A 1 45 ? 4.297   -2.320  -8.952  1.00 20.47 ? 45  ASP A CB  1 
ATOM   293 C  CG  . ASP A 1 45 ? 3.405   -3.232  -9.778  1.00 24.57 ? 45  ASP A CG  1 
ATOM   294 O  OD1 . ASP A 1 45 ? 2.309   -3.613  -9.318  1.00 22.29 ? 45  ASP A OD1 1 
ATOM   295 O  OD2 . ASP A 1 45 ? 3.818   -3.566  -10.912 1.00 28.05 ? 45  ASP A OD2 1 
ATOM   296 N  N   . GLY A 1 46 ? 2.250   -0.279  -8.374  1.00 17.54 ? 46  GLY A N   1 
ATOM   297 C  CA  . GLY A 1 46 ? 0.981   0.429   -8.470  1.00 18.49 ? 46  GLY A CA  1 
ATOM   298 C  C   . GLY A 1 46 ? -0.214  -0.386  -8.932  1.00 19.26 ? 46  GLY A C   1 
ATOM   299 O  O   . GLY A 1 46 ? -1.310  -0.273  -8.371  1.00 18.86 ? 46  GLY A O   1 
ATOM   300 N  N   . GLN A 1 47 ? -0.021  -1.200  -9.963  1.00 19.72 ? 47  GLN A N   1 
ATOM   301 C  CA  . GLN A 1 47 ? -1.111  -2.029  -10.470 1.00 22.07 ? 47  GLN A CA  1 
ATOM   302 C  C   . GLN A 1 47 ? -1.620  -2.982  -9.391  1.00 22.87 ? 47  GLN A C   1 
ATOM   303 O  O   . GLN A 1 47 ? -2.827  -3.207  -9.274  1.00 22.89 ? 47  GLN A O   1 
ATOM   304 C  CB  . GLN A 1 47 ? -0.648  -2.815  -11.699 1.00 24.88 ? 47  GLN A CB  1 
ATOM   305 C  CG  . GLN A 1 47 ? -0.495  -1.958  -12.948 1.00 31.33 ? 47  GLN A CG  1 
ATOM   306 C  CD  . GLN A 1 47 ? -1.823  -1.652  -13.614 1.00 35.78 ? 47  GLN A CD  1 
ATOM   307 O  OE1 . GLN A 1 47 ? -2.768  -1.196  -12.968 1.00 40.25 ? 47  GLN A OE1 1 
ATOM   308 N  NE2 . GLN A 1 47 ? -1.901  -1.899  -14.918 1.00 39.13 ? 47  GLN A NE2 1 
ATOM   309 N  N   . ALA A 1 48 ? -0.705  -3.538  -8.602  1.00 20.04 ? 48  ALA A N   1 
ATOM   310 C  CA  . ALA A 1 48 ? -1.088  -4.450  -7.528  1.00 20.68 ? 48  ALA A CA  1 
ATOM   311 C  C   . ALA A 1 48 ? -1.772  -3.688  -6.393  1.00 19.82 ? 48  ALA A C   1 
ATOM   312 O  O   . ALA A 1 48 ? -2.737  -4.172  -5.795  1.00 20.78 ? 48  ALA A O   1 
ATOM   313 C  CB  . ALA A 1 48 ? 0.142   -5.182  -6.995  1.00 21.59 ? 48  ALA A CB  1 
ATOM   314 N  N   . LEU A 1 49 ? -1.263  -2.496  -6.093  1.00 18.89 ? 49  LEU A N   1 
ATOM   315 C  CA  . LEU A 1 49 ? -1.822  -1.666  -5.025  1.00 20.06 ? 49  LEU A CA  1 
ATOM   316 C  C   . LEU A 1 49 ? -3.301  -1.354  -5.269  1.00 21.11 ? 49  LEU A C   1 
ATOM   317 O  O   . LEU A 1 49 ? -4.108  -1.326  -4.334  1.00 20.99 ? 49  LEU A O   1 
ATOM   318 C  CB  . LEU A 1 49 ? -1.030  -0.359  -4.910  1.00 20.39 ? 49  LEU A CB  1 
ATOM   319 C  CG  . LEU A 1 49 ? -1.435  0.607   -3.795  1.00 19.45 ? 49  LEU A CG  1 
ATOM   320 C  CD1 . LEU A 1 49 ? -1.225  -0.059  -2.437  1.00 21.38 ? 49  LEU A CD1 1 
ATOM   321 C  CD2 . LEU A 1 49 ? -0.608  1.888   -3.895  1.00 19.43 ? 49  LEU A CD2 1 
ATOM   322 N  N   . LEU A 1 50 ? -3.653  -1.122  -6.526  1.00 21.22 ? 50  LEU A N   1 
ATOM   323 C  CA  . LEU A 1 50 ? -5.032  -0.815  -6.882  1.00 24.43 ? 50  LEU A CA  1 
ATOM   324 C  C   . LEU A 1 50 ? -5.971  -1.990  -6.605  1.00 25.91 ? 50  LEU A C   1 
ATOM   325 O  O   . LEU A 1 50 ? -7.176  -1.797  -6.411  1.00 25.22 ? 50  LEU A O   1 
ATOM   326 C  CB  . LEU A 1 50 ? -5.112  -0.414  -8.358  1.00 23.99 ? 50  LEU A CB  1 
ATOM   327 C  CG  . LEU A 1 50 ? -4.499  0.953   -8.694  1.00 25.45 ? 50  LEU A CG  1 
ATOM   328 C  CD1 . LEU A 1 50 ? -4.373  1.120   -10.200 1.00 26.35 ? 50  LEU A CD1 1 
ATOM   329 C  CD2 . LEU A 1 50 ? -5.366  2.052   -8.096  1.00 27.87 ? 50  LEU A CD2 1 
ATOM   330 N  N   . ARG A 1 51 ? -5.417  -3.199  -6.570  1.00 25.72 ? 51  ARG A N   1 
ATOM   331 C  CA  . ARG A 1 51 ? -6.204  -4.409  -6.332  1.00 28.72 ? 51  ARG A CA  1 
ATOM   332 C  C   . ARG A 1 51 ? -6.248  -4.867  -4.877  1.00 30.02 ? 51  ARG A C   1 
ATOM   333 O  O   . ARG A 1 51 ? -7.067  -5.717  -4.519  1.00 30.87 ? 51  ARG A O   1 
ATOM   334 C  CB  . ARG A 1 51 ? -5.659  -5.558  -7.183  1.00 31.14 ? 51  ARG A CB  1 
ATOM   335 C  CG  . ARG A 1 51 ? -5.768  -5.340  -8.671  1.00 33.13 ? 51  ARG A CG  1 
ATOM   336 C  CD  . ARG A 1 51 ? -7.218  -5.190  -9.103  1.00 39.11 ? 51  ARG A CD  1 
ATOM   337 N  NE  . ARG A 1 51 ? -8.113  -6.154  -8.461  1.00 40.02 ? 51  ARG A NE  1 
ATOM   338 C  CZ  . ARG A 1 51 ? -7.931  -7.473  -8.431  1.00 44.53 ? 51  ARG A CZ  1 
ATOM   339 N  NH1 . ARG A 1 51 ? -6.868  -8.022  -9.008  1.00 46.02 ? 51  ARG A NH1 1 
ATOM   340 N  NH2 . ARG A 1 51 ? -8.824  -8.250  -7.830  1.00 44.51 ? 51  ARG A NH2 1 
ATOM   341 N  N   . LEU A 1 52 ? -5.371  -4.320  -4.041  1.00 29.71 ? 52  LEU A N   1 
ATOM   342 C  CA  . LEU A 1 52 ? -5.321  -4.704  -2.633  1.00 32.05 ? 52  LEU A CA  1 
ATOM   343 C  C   . LEU A 1 52 ? -6.575  -4.363  -1.838  1.00 33.70 ? 52  LEU A C   1 
ATOM   344 O  O   . LEU A 1 52 ? -6.995  -3.208  -1.775  1.00 35.89 ? 52  LEU A O   1 
ATOM   345 C  CB  . LEU A 1 52 ? -4.104  -4.072  -1.949  1.00 30.49 ? 52  LEU A CB  1 
ATOM   346 C  CG  . LEU A 1 52 ? -2.787  -4.846  -2.032  1.00 31.71 ? 52  LEU A CG  1 
ATOM   347 C  CD1 . LEU A 1 52 ? -1.649  -4.004  -1.451  1.00 30.88 ? 52  LEU A CD1 1 
ATOM   348 C  CD2 . LEU A 1 52 ? -2.923  -6.156  -1.269  1.00 29.55 ? 52  LEU A CD2 1 
ATOM   349 N  N   . LYS A 1 53 ? -7.168  -5.383  -1.229  1.00 33.88 ? 53  LYS A N   1 
ATOM   350 C  CA  . LYS A 1 53 ? -8.361  -5.200  -0.416  1.00 34.43 ? 53  LYS A CA  1 
ATOM   351 C  C   . LYS A 1 53 ? -7.970  -5.423  1.037   1.00 33.17 ? 53  LYS A C   1 
ATOM   352 O  O   . LYS A 1 53 ? -6.909  -5.969  1.324   1.00 32.87 ? 53  LYS A O   1 
ATOM   353 C  CB  . LYS A 1 53 ? -9.440  -6.215  -0.805  1.00 36.67 ? 53  LYS A CB  1 
ATOM   354 C  CG  . LYS A 1 53 ? -9.945  -6.102  -2.233  1.00 39.43 ? 53  LYS A CG  1 
ATOM   355 C  CD  . LYS A 1 53 ? -10.955 -7.206  -2.523  1.00 42.83 ? 53  LYS A CD  1 
ATOM   356 C  CE  . LYS A 1 53 ? -11.513 -7.109  -3.937  1.00 44.45 ? 53  LYS A CE  1 
ATOM   357 N  NZ  . LYS A 1 53 ? -12.475 -8.214  -4.217  1.00 47.15 ? 53  LYS A NZ  1 
ATOM   358 N  N   . GLU A 1 54 ? -8.837  -5.006  1.952   1.00 35.38 ? 54  GLU A N   1 
ATOM   359 C  CA  . GLU A 1 54 ? -8.581  -5.176  3.375   1.00 37.65 ? 54  GLU A CA  1 
ATOM   360 C  C   . GLU A 1 54 ? -8.253  -6.639  3.712   1.00 37.44 ? 54  GLU A C   1 
ATOM   361 O  O   . GLU A 1 54 ? -7.356  -6.908  4.510   1.00 37.09 ? 54  GLU A O   1 
ATOM   362 C  CB  . GLU A 1 54 ? -9.800  -4.681  4.164   1.00 40.20 ? 54  GLU A CB  1 
ATOM   363 C  CG  . GLU A 1 54 ? -9.732  -4.868  5.670   1.00 43.76 ? 54  GLU A CG  1 
ATOM   364 C  CD  . GLU A 1 54 ? -10.208 -6.234  6.105   1.00 45.77 ? 54  GLU A CD  1 
ATOM   365 O  OE1 . GLU A 1 54 ? -11.312 -6.635  5.679   1.00 47.22 ? 54  GLU A OE1 1 
ATOM   366 O  OE2 . GLU A 1 54 ? -9.488  -6.905  6.874   1.00 47.73 ? 54  GLU A OE2 1 
ATOM   367 N  N   . LYS A 1 55 ? -8.959  -7.578  3.082   1.00 37.51 ? 55  LYS A N   1 
ATOM   368 C  CA  . LYS A 1 55 ? -8.735  -9.007  3.332   1.00 37.19 ? 55  LYS A CA  1 
ATOM   369 C  C   . LYS A 1 55 ? -7.305  -9.457  3.022   1.00 36.34 ? 55  LYS A C   1 
ATOM   370 O  O   . LYS A 1 55 ? -6.724  -10.255 3.758   1.00 36.15 ? 55  LYS A O   1 
ATOM   371 C  CB  . LYS A 1 55 ? -9.711  -9.856  2.503   1.00 40.18 ? 55  LYS A CB  1 
ATOM   372 C  CG  . LYS A 1 55 ? -9.371  -9.907  1.017   1.00 43.35 ? 55  LYS A CG  1 
ATOM   373 C  CD  . LYS A 1 55 ? -10.178 -10.956 0.261   1.00 46.90 ? 55  LYS A CD  1 
ATOM   374 C  CE  . LYS A 1 55 ? -11.623 -10.533 0.065   1.00 48.69 ? 55  LYS A CE  1 
ATOM   375 N  NZ  . LYS A 1 55 ? -12.368 -11.527 -0.763  1.00 50.75 ? 55  LYS A NZ  1 
ATOM   376 N  N   . HIS A 1 56 ? -6.750  -8.954  1.922   1.00 33.87 ? 56  HIS A N   1 
ATOM   377 C  CA  . HIS A 1 56 ? -5.395  -9.305  1.508   1.00 33.41 ? 56  HIS A CA  1 
ATOM   378 C  C   . HIS A 1 56 ? -4.356  -8.748  2.473   1.00 32.16 ? 56  HIS A C   1 
ATOM   379 O  O   . HIS A 1 56 ? -3.372  -9.415  2.796   1.00 31.02 ? 56  HIS A O   1 
ATOM   380 C  CB  . HIS A 1 56 ? -5.127  -8.759  0.103   1.00 34.87 ? 56  HIS A CB  1 
ATOM   381 C  CG  . HIS A 1 56 ? -6.054  -9.300  -0.940  1.00 36.10 ? 56  HIS A CG  1 
ATOM   382 N  ND1 . HIS A 1 56 ? -6.534  -8.530  -1.977  1.00 37.66 ? 56  HIS A ND1 1 
ATOM   383 C  CD2 . HIS A 1 56 ? -6.572  -10.538 -1.118  1.00 37.00 ? 56  HIS A CD2 1 
ATOM   384 C  CE1 . HIS A 1 56 ? -7.310  -9.273  -2.749  1.00 37.26 ? 56  HIS A CE1 1 
ATOM   385 N  NE2 . HIS A 1 56 ? -7.349  -10.494 -2.250  1.00 36.33 ? 56  HIS A NE2 1 
ATOM   386 N  N   . LEU A 1 57 ? -4.578  -7.516  2.918   1.00 31.40 ? 57  LEU A N   1 
ATOM   387 C  CA  . LEU A 1 57 ? -3.671  -6.849  3.844   1.00 31.82 ? 57  LEU A CA  1 
ATOM   388 C  C   . LEU A 1 57 ? -3.646  -7.545  5.200   1.00 32.88 ? 57  LEU A C   1 
ATOM   389 O  O   . LEU A 1 57 ? -2.581  -7.886  5.715   1.00 34.35 ? 57  LEU A O   1 
ATOM   390 C  CB  . LEU A 1 57 ? -4.096  -5.387  4.029   1.00 30.62 ? 57  LEU A CB  1 
ATOM   391 C  CG  . LEU A 1 57 ? -4.008  -4.493  2.786   1.00 31.18 ? 57  LEU A CG  1 
ATOM   392 C  CD1 . LEU A 1 57 ? -4.706  -3.165  3.034   1.00 32.33 ? 57  LEU A CD1 1 
ATOM   393 C  CD2 . LEU A 1 57 ? -2.551  -4.278  2.431   1.00 30.56 ? 57  LEU A CD2 1 
ATOM   394 N  N   . VAL A 1 58 ? -4.828  -7.751  5.772   1.00 34.88 ? 58  VAL A N   1 
ATOM   395 C  CA  . VAL A 1 58 ? -4.948  -8.389  7.077   1.00 36.83 ? 58  VAL A CA  1 
ATOM   396 C  C   . VAL A 1 58 ? -4.635  -9.883  7.040   1.00 38.92 ? 58  VAL A C   1 
ATOM   397 O  O   . VAL A 1 58 ? -3.773  -10.361 7.777   1.00 39.68 ? 58  VAL A O   1 
ATOM   398 C  CB  . VAL A 1 58 ? -6.368  -8.182  7.661   1.00 36.69 ? 58  VAL A CB  1 
ATOM   399 C  CG1 . VAL A 1 58 ? -6.504  -8.923  8.985   1.00 38.03 ? 58  VAL A CG1 1 
ATOM   400 C  CG2 . VAL A 1 58 ? -6.634  -6.697  7.862   1.00 35.94 ? 58  VAL A CG2 1 
ATOM   401 N  N   . ASN A 1 59 ? -5.324  -10.620 6.174   1.00 40.79 ? 59  ASN A N   1 
ATOM   402 C  CA  . ASN A 1 59 ? -5.114  -12.061 6.081   1.00 43.20 ? 59  ASN A CA  1 
ATOM   403 C  C   . ASN A 1 59 ? -3.816  -12.467 5.391   1.00 42.54 ? 59  ASN A C   1 
ATOM   404 O  O   . ASN A 1 59 ? -2.970  -13.129 5.992   1.00 44.00 ? 59  ASN A O   1 
ATOM   405 C  CB  . ASN A 1 59 ? -6.302  -12.724 5.373   1.00 44.75 ? 59  ASN A CB  1 
ATOM   406 C  CG  . ASN A 1 59 ? -7.604  -12.541 6.129   1.00 47.18 ? 59  ASN A CG  1 
ATOM   407 O  OD1 . ASN A 1 59 ? -7.706  -12.887 7.307   1.00 49.74 ? 59  ASN A OD1 1 
ATOM   408 N  ND2 . ASN A 1 59 ? -8.611  -11.995 5.453   1.00 48.95 ? 59  ASN A ND2 1 
ATOM   409 N  N   . ALA A 1 60 ? -3.656  -12.069 4.135   1.00 42.81 ? 60  ALA A N   1 
ATOM   410 C  CA  . ALA A 1 60 ? -2.464  -12.422 3.373   1.00 41.45 ? 60  ALA A CA  1 
ATOM   411 C  C   . ALA A 1 60 ? -1.168  -11.787 3.873   1.00 41.30 ? 60  ALA A C   1 
ATOM   412 O  O   . ALA A 1 60 ? -0.127  -12.440 3.895   1.00 40.94 ? 60  ALA A O   1 
ATOM   413 C  CB  . ALA A 1 60 ? -2.672  -12.083 1.899   1.00 42.78 ? 60  ALA A CB  1 
HETATM 414 N  N   . MSE A 1 61 ? -1.223  -10.522 4.278   1.00 40.79 ? 61  MSE A N   1 
HETATM 415 C  CA  . MSE A 1 61 ? -0.021  -9.839  4.748   1.00 40.50 ? 61  MSE A CA  1 
HETATM 416 C  C   . MSE A 1 61 ? 0.136   -9.733  6.274   1.00 39.32 ? 61  MSE A C   1 
HETATM 417 O  O   . MSE A 1 61 ? 1.141   -9.218  6.757   1.00 40.03 ? 61  MSE A O   1 
HETATM 418 C  CB  . MSE A 1 61 ? 0.068   -8.452  4.089   1.00 43.08 ? 61  MSE A CB  1 
HETATM 419 C  CG  . MSE A 1 61 ? 0.253   -8.531  2.564   1.00 46.21 ? 61  MSE A CG  1 
HETATM 420 SE SE  . MSE A 1 61 ? 0.378   -6.836  1.601   1.00 50.87 ? 61  MSE A SE  1 
HETATM 421 C  CE  . MSE A 1 61 ? 2.124   -6.272  2.235   1.00 46.46 ? 61  MSE A CE  1 
ATOM   422 N  N   . GLY A 1 62 ? -0.846  -10.231 7.022   1.00 37.59 ? 62  GLY A N   1 
ATOM   423 C  CA  . GLY A 1 62 ? -0.775  -10.205 8.480   1.00 35.16 ? 62  GLY A CA  1 
ATOM   424 C  C   . GLY A 1 62 ? -0.722  -8.833  9.131   1.00 32.88 ? 62  GLY A C   1 
ATOM   425 O  O   . GLY A 1 62 ? -0.222  -8.674  10.247  1.00 33.07 ? 62  GLY A O   1 
HETATM 426 N  N   . MSE A 1 63 ? -1.263  -7.841  8.440   1.00 30.54 ? 63  MSE A N   1 
HETATM 427 C  CA  . MSE A 1 63 ? -1.278  -6.464  8.920   1.00 27.54 ? 63  MSE A CA  1 
HETATM 428 C  C   . MSE A 1 63 ? -2.392  -6.206  9.939   1.00 25.68 ? 63  MSE A C   1 
HETATM 429 O  O   . MSE A 1 63 ? -3.428  -6.874  9.923   1.00 24.23 ? 63  MSE A O   1 
HETATM 430 C  CB  . MSE A 1 63 ? -1.459  -5.545  7.712   1.00 30.55 ? 63  MSE A CB  1 
HETATM 431 C  CG  . MSE A 1 63 ? -1.264  -4.074  7.954   1.00 33.34 ? 63  MSE A CG  1 
HETATM 432 SE SE  . MSE A 1 63 ? -1.336  -3.191  6.233   1.00 41.93 ? 63  MSE A SE  1 
HETATM 433 C  CE  . MSE A 1 63 ? 0.162   -4.051  5.391   1.00 32.91 ? 63  MSE A CE  1 
ATOM   434 N  N   . LYS A 1 64 ? -2.170  -5.245  10.834  1.00 23.83 ? 64  LYS A N   1 
ATOM   435 C  CA  . LYS A 1 64 ? -3.185  -4.879  11.819  1.00 24.29 ? 64  LYS A CA  1 
ATOM   436 C  C   . LYS A 1 64 ? -4.289  -4.146  11.052  1.00 24.08 ? 64  LYS A C   1 
ATOM   437 O  O   . LYS A 1 64 ? -4.034  -3.526  10.012  1.00 20.88 ? 64  LYS A O   1 
ATOM   438 C  CB  . LYS A 1 64 ? -2.585  -3.986  12.911  1.00 25.75 ? 64  LYS A CB  1 
ATOM   439 C  CG  . LYS A 1 64 ? -1.661  -4.740  13.866  1.00 29.03 ? 64  LYS A CG  1 
ATOM   440 C  CD  . LYS A 1 64 ? -1.179  -3.862  15.010  1.00 34.19 ? 64  LYS A CD  1 
ATOM   441 C  CE  . LYS A 1 64 ? -0.448  -4.688  16.065  1.00 36.82 ? 64  LYS A CE  1 
ATOM   442 N  NZ  . LYS A 1 64 ? -0.181  -3.920  17.321  1.00 40.06 ? 64  LYS A NZ  1 
ATOM   443 N  N   . LEU A 1 65 ? -5.514  -4.220  11.558  1.00 22.85 ? 65  LEU A N   1 
ATOM   444 C  CA  . LEU A 1 65 ? -6.654  -3.614  10.881  1.00 22.85 ? 65  LEU A CA  1 
ATOM   445 C  C   . LEU A 1 65 ? -6.598  -2.104  10.640  1.00 22.90 ? 65  LEU A C   1 
ATOM   446 O  O   . LEU A 1 65 ? -7.018  -1.634  9.580   1.00 24.25 ? 65  LEU A O   1 
ATOM   447 C  CB  . LEU A 1 65 ? -7.944  -3.975  11.632  1.00 24.90 ? 65  LEU A CB  1 
ATOM   448 C  CG  . LEU A 1 65 ? -9.269  -3.596  10.961  1.00 26.10 ? 65  LEU A CG  1 
ATOM   449 C  CD1 . LEU A 1 65 ? -9.364  -4.233  9.581   1.00 28.02 ? 65  LEU A CD1 1 
ATOM   450 C  CD2 . LEU A 1 65 ? -10.426 -4.061  11.842  1.00 28.04 ? 65  LEU A CD2 1 
ATOM   451 N  N   . GLY A 1 66 ? -6.084  -1.351  11.610  1.00 22.36 ? 66  GLY A N   1 
ATOM   452 C  CA  . GLY A 1 66 ? -6.004  0.096   11.476  1.00 22.87 ? 66  GLY A CA  1 
ATOM   453 C  C   . GLY A 1 66 ? -5.189  0.510   10.264  1.00 23.64 ? 66  GLY A C   1 
ATOM   454 O  O   . GLY A 1 66 ? -5.678  1.237   9.394   1.00 22.35 ? 66  GLY A O   1 
ATOM   455 N  N   . PRO A 1 67 ? -3.927  0.071   10.190  1.00 22.74 ? 67  PRO A N   1 
ATOM   456 C  CA  . PRO A 1 67 ? -3.074  0.418   9.052   1.00 22.76 ? 67  PRO A CA  1 
ATOM   457 C  C   . PRO A 1 67 ? -3.684  -0.052  7.732   1.00 20.91 ? 67  PRO A C   1 
ATOM   458 O  O   . PRO A 1 67 ? -3.639  0.663   6.735   1.00 22.54 ? 67  PRO A O   1 
ATOM   459 C  CB  . PRO A 1 67 ? -1.763  -0.294  9.377   1.00 22.93 ? 67  PRO A CB  1 
ATOM   460 C  CG  . PRO A 1 67 ? -1.717  -0.226  10.868  1.00 25.14 ? 67  PRO A CG  1 
ATOM   461 C  CD  . PRO A 1 67 ? -3.140  -0.561  11.265  1.00 23.08 ? 67  PRO A CD  1 
ATOM   462 N  N   . ALA A 1 68 ? -4.259  -1.253  7.730   1.00 20.35 ? 68  ALA A N   1 
ATOM   463 C  CA  . ALA A 1 68 ? -4.868  -1.799  6.521   1.00 22.35 ? 68  ALA A CA  1 
ATOM   464 C  C   . ALA A 1 68 ? -5.995  -0.902  6.008   1.00 24.43 ? 68  ALA A C   1 
ATOM   465 O  O   . ALA A 1 68 ? -6.090  -0.639  4.806   1.00 23.35 ? 68  ALA A O   1 
ATOM   466 C  CB  . ALA A 1 68 ? -5.397  -3.211  6.783   1.00 22.19 ? 68  ALA A CB  1 
ATOM   467 N  N   . LEU A 1 69 ? -6.847  -0.429  6.914   1.00 24.44 ? 69  LEU A N   1 
ATOM   468 C  CA  . LEU A 1 69 ? -7.957  0.440   6.519   1.00 26.36 ? 69  LEU A CA  1 
ATOM   469 C  C   . LEU A 1 69 ? -7.476  1.772   5.953   1.00 25.78 ? 69  LEU A C   1 
ATOM   470 O  O   . LEU A 1 69 ? -8.043  2.287   4.982   1.00 26.39 ? 69  LEU A O   1 
ATOM   471 C  CB  . LEU A 1 69 ? -8.882  0.704   7.709   1.00 26.54 ? 69  LEU A CB  1 
ATOM   472 C  CG  . LEU A 1 69 ? -9.698  -0.489  8.211   1.00 28.79 ? 69  LEU A CG  1 
ATOM   473 C  CD1 . LEU A 1 69 ? -10.377 -0.118  9.522   1.00 29.23 ? 69  LEU A CD1 1 
ATOM   474 C  CD2 . LEU A 1 69 ? -10.724 -0.896  7.166   1.00 30.96 ? 69  LEU A CD2 1 
ATOM   475 N  N   . LYS A 1 70 ? -6.438  2.331   6.564   1.00 25.44 ? 70  LYS A N   1 
ATOM   476 C  CA  . LYS A 1 70 ? -5.889  3.607   6.123   1.00 26.18 ? 70  LYS A CA  1 
ATOM   477 C  C   . LYS A 1 70 ? -5.283  3.517   4.722   1.00 24.65 ? 70  LYS A C   1 
ATOM   478 O  O   . LYS A 1 70 ? -5.418  4.447   3.925   1.00 24.04 ? 70  LYS A O   1 
ATOM   479 C  CB  . LYS A 1 70 ? -4.855  4.098   7.140   1.00 27.86 ? 70  LYS A CB  1 
ATOM   480 C  CG  . LYS A 1 70 ? -5.492  4.479   8.478   1.00 32.19 ? 70  LYS A CG  1 
ATOM   481 C  CD  . LYS A 1 70 ? -4.557  4.279   9.666   1.00 35.20 ? 70  LYS A CD  1 
ATOM   482 C  CE  . LYS A 1 70 ? -3.476  5.332   9.729   1.00 37.70 ? 70  LYS A CE  1 
ATOM   483 N  NZ  . LYS A 1 70 ? -2.684  5.184   10.983  1.00 36.56 ? 70  LYS A NZ  1 
ATOM   484 N  N   . ILE A 1 71 ? -4.629  2.401   4.412   1.00 22.87 ? 71  ILE A N   1 
ATOM   485 C  CA  . ILE A 1 71 ? -4.034  2.233   3.088   1.00 22.60 ? 71  ILE A CA  1 
ATOM   486 C  C   . ILE A 1 71 ? -5.119  2.144   2.014   1.00 24.25 ? 71  ILE A C   1 
ATOM   487 O  O   . ILE A 1 71 ? -5.065  2.843   0.999   1.00 24.11 ? 71  ILE A O   1 
ATOM   488 C  CB  . ILE A 1 71 ? -3.143  0.969   3.033   1.00 21.73 ? 71  ILE A CB  1 
ATOM   489 C  CG1 . ILE A 1 71 ? -1.916  1.177   3.926   1.00 21.04 ? 71  ILE A CG1 1 
ATOM   490 C  CG2 . ILE A 1 71 ? -2.715  0.676   1.591   1.00 21.79 ? 71  ILE A CG2 1 
ATOM   491 C  CD1 . ILE A 1 71 ? -1.091  -0.077  4.134   1.00 23.21 ? 71  ILE A CD1 1 
ATOM   492 N  N   . VAL A 1 72 ? -6.110  1.289   2.237   1.00 25.51 ? 72  VAL A N   1 
ATOM   493 C  CA  . VAL A 1 72 ? -7.191  1.137   1.267   1.00 28.58 ? 72  VAL A CA  1 
ATOM   494 C  C   . VAL A 1 72 ? -7.911  2.464   1.030   1.00 28.85 ? 72  VAL A C   1 
ATOM   495 O  O   . VAL A 1 72 ? -8.213  2.819   -0.112  1.00 28.82 ? 72  VAL A O   1 
ATOM   496 C  CB  . VAL A 1 72 ? -8.218  0.074   1.736   1.00 30.06 ? 72  VAL A CB  1 
ATOM   497 C  CG1 . VAL A 1 72 ? -9.405  0.030   0.780   1.00 30.11 ? 72  VAL A CG1 1 
ATOM   498 C  CG2 . VAL A 1 72 ? -7.552  -1.290  1.794   1.00 31.44 ? 72  VAL A CG2 1 
ATOM   499 N  N   . ALA A 1 73 ? -8.165  3.199   2.108   1.00 29.56 ? 73  ALA A N   1 
ATOM   500 C  CA  . ALA A 1 73 ? -8.855  4.487   2.030   1.00 30.76 ? 73  ALA A CA  1 
ATOM   501 C  C   . ALA A 1 73 ? -8.069  5.557   1.274   1.00 30.35 ? 73  ALA A C   1 
ATOM   502 O  O   . ALA A 1 73 ? -8.642  6.322   0.492   1.00 29.58 ? 73  ALA A O   1 
ATOM   503 C  CB  . ALA A 1 73 ? -9.182  4.989   3.431   1.00 31.04 ? 73  ALA A CB  1 
ATOM   504 N  N   . LYS A 1 74 ? -6.762  5.623   1.514   1.00 28.43 ? 74  LYS A N   1 
ATOM   505 C  CA  . LYS A 1 74 ? -5.930  6.613   0.839   1.00 28.11 ? 74  LYS A CA  1 
ATOM   506 C  C   . LYS A 1 74 ? -5.900  6.344   -0.661  1.00 27.58 ? 74  LYS A C   1 
ATOM   507 O  O   . LYS A 1 74 ? -6.006  7.272   -1.466  1.00 28.59 ? 74  LYS A O   1 
ATOM   508 C  CB  . LYS A 1 74 ? -4.506  6.595   1.400   1.00 27.77 ? 74  LYS A CB  1 
ATOM   509 C  CG  . LYS A 1 74 ? -3.631  7.730   0.890   1.00 31.94 ? 74  LYS A CG  1 
ATOM   510 C  CD  . LYS A 1 74 ? -4.198  9.087   1.294   1.00 36.03 ? 74  LYS A CD  1 
ATOM   511 C  CE  . LYS A 1 74 ? -3.295  10.222  0.837   1.00 39.02 ? 74  LYS A CE  1 
ATOM   512 N  NZ  . LYS A 1 74 ? -3.822  11.553  1.257   1.00 42.39 ? 74  LYS A NZ  1 
ATOM   513 N  N   . VAL A 1 75 ? -5.756  5.077   -1.036  1.00 26.36 ? 75  VAL A N   1 
ATOM   514 C  CA  . VAL A 1 75 ? -5.730  4.703   -2.446  1.00 26.53 ? 75  VAL A CA  1 
ATOM   515 C  C   . VAL A 1 75 ? -7.060  5.068   -3.107  1.00 30.03 ? 75  VAL A C   1 
ATOM   516 O  O   . VAL A 1 75 ? -7.086  5.569   -4.233  1.00 29.87 ? 75  VAL A O   1 
ATOM   517 C  CB  . VAL A 1 75 ? -5.459  3.189   -2.615  1.00 25.20 ? 75  VAL A CB  1 
ATOM   518 C  CG1 . VAL A 1 75 ? -5.593  2.783   -4.076  1.00 24.78 ? 75  VAL A CG1 1 
ATOM   519 C  CG2 . VAL A 1 75 ? -4.058  2.862   -2.107  1.00 20.35 ? 75  VAL A CG2 1 
ATOM   520 N  N   . GLU A 1 76 ? -8.162  4.824   -2.403  1.00 32.17 ? 76  GLU A N   1 
ATOM   521 C  CA  . GLU A 1 76 ? -9.489  5.140   -2.931  1.00 36.58 ? 76  GLU A CA  1 
ATOM   522 C  C   . GLU A 1 76 ? -9.643  6.640   -3.167  1.00 37.48 ? 76  GLU A C   1 
ATOM   523 O  O   . GLU A 1 76 ? -10.195 7.061   -4.185  1.00 39.19 ? 76  GLU A O   1 
ATOM   524 C  CB  . GLU A 1 76 ? -10.585 4.677   -1.964  1.00 38.11 ? 76  GLU A CB  1 
ATOM   525 C  CG  . GLU A 1 76 ? -10.626 3.184   -1.705  1.00 41.40 ? 76  GLU A CG  1 
ATOM   526 C  CD  . GLU A 1 76 ? -11.721 2.794   -0.722  1.00 44.21 ? 76  GLU A CD  1 
ATOM   527 O  OE1 . GLU A 1 76 ? -11.827 3.440   0.343   1.00 45.60 ? 76  GLU A OE1 1 
ATOM   528 O  OE2 . GLU A 1 76 ? -12.470 1.836   -1.011  1.00 46.10 ? 76  GLU A OE2 1 
ATOM   529 N  N   . SER A 1 77 ? -9.154  7.444   -2.227  1.00 38.95 ? 77  SER A N   1 
ATOM   530 C  CA  . SER A 1 77 ? -9.260  8.896   -2.337  1.00 42.13 ? 77  SER A CA  1 
ATOM   531 C  C   . SER A 1 77 ? -8.450  9.456   -3.502  1.00 43.82 ? 77  SER A C   1 
ATOM   532 O  O   . SER A 1 77 ? -8.884  10.390  -4.177  1.00 44.45 ? 77  SER A O   1 
ATOM   533 C  CB  . SER A 1 77 ? -8.810  9.566   -1.035  1.00 42.14 ? 77  SER A CB  1 
ATOM   534 O  OG  . SER A 1 77 ? -7.418  9.409   -0.826  1.00 45.90 ? 77  SER A OG  1 
ATOM   535 N  N   . ILE A 1 78 ? -7.272  8.887   -3.733  1.00 44.59 ? 78  ILE A N   1 
ATOM   536 C  CA  . ILE A 1 78 ? -6.409  9.332   -4.821  1.00 46.54 ? 78  ILE A CA  1 
ATOM   537 C  C   . ILE A 1 78 ? -7.002  8.906   -6.160  1.00 48.64 ? 78  ILE A C   1 
ATOM   538 O  O   . ILE A 1 78 ? -7.141  9.717   -7.078  1.00 49.12 ? 78  ILE A O   1 
ATOM   539 C  CB  . ILE A 1 78 ? -4.988  8.734   -4.683  1.00 45.54 ? 78  ILE A CB  1 
ATOM   540 C  CG1 . ILE A 1 78 ? -4.342  9.229   -3.387  1.00 45.76 ? 78  ILE A CG1 1 
ATOM   541 C  CG2 . ILE A 1 78 ? -4.134  9.122   -5.883  1.00 46.68 ? 78  ILE A CG2 1 
ATOM   542 C  CD1 . ILE A 1 78 ? -2.967  8.648   -3.122  1.00 44.91 ? 78  ILE A CD1 1 
ATOM   543 N  N   . LYS A 1 79 ? -7.355  7.630   -6.259  1.00 50.23 ? 79  LYS A N   1 
ATOM   544 C  CA  . LYS A 1 79 ? -7.935  7.083   -7.478  1.00 52.48 ? 79  LYS A CA  1 
ATOM   545 C  C   . LYS A 1 79 ? -9.198  7.848   -7.868  1.00 53.42 ? 79  LYS A C   1 
ATOM   546 O  O   . LYS A 1 79 ? -9.270  8.303   -9.028  1.00 54.20 ? 79  LYS A O   1 
ATOM   547 C  CB  . LYS A 1 79 ? -8.259  5.599   -7.282  1.00 53.17 ? 79  LYS A CB  1 
ATOM   548 C  CG  . LYS A 1 79 ? -8.731  4.891   -8.540  1.00 55.21 ? 79  LYS A CG  1 
ATOM   549 C  CD  . LYS A 1 79 ? -8.964  3.407   -8.295  1.00 56.81 ? 79  LYS A CD  1 
ATOM   550 C  CE  . LYS A 1 79 ? -10.073 3.174   -7.280  1.00 57.90 ? 79  LYS A CE  1 
ATOM   551 N  NZ  . LYS A 1 79 ? -11.360 3.777   -7.729  1.00 59.25 ? 79  LYS A NZ  1 
HETATM 552 O  O   . HOH B 2 .  ? 8.445   -1.996  -10.150 1.00 28.90 ? 90  HOH A O   1 
HETATM 553 O  O   . HOH B 2 .  ? 9.608   -2.048  7.203   1.00 25.79 ? 91  HOH A O   1 
HETATM 554 O  O   . HOH B 2 .  ? 10.950  -0.476  -8.073  1.00 26.03 ? 92  HOH A O   1 
HETATM 555 O  O   . HOH B 2 .  ? 6.197   -1.780  -2.564  1.00 22.54 ? 93  HOH A O   1 
HETATM 556 O  O   . HOH B 2 .  ? 2.455   -0.255  -11.695 1.00 25.57 ? 94  HOH A O   1 
HETATM 557 O  O   . HOH B 2 .  ? -4.130  4.828   -12.383 1.00 33.55 ? 95  HOH A O   1 
HETATM 558 O  O   . HOH B 2 .  ? -0.340  4.806   -16.007 1.00 30.18 ? 96  HOH A O   1 
HETATM 559 O  O   . HOH B 2 .  ? -4.622  -2.890  -11.429 1.00 34.83 ? 97  HOH A O   1 
HETATM 560 O  O   . HOH B 2 .  ? -6.064  -0.741  -2.455  1.00 34.10 ? 98  HOH A O   1 
HETATM 561 O  O   . HOH B 2 .  ? -2.540  2.996   12.793  1.00 31.86 ? 99  HOH A O   1 
HETATM 562 O  O   . HOH B 2 .  ? 1.965   8.595   1.656   1.00 34.20 ? 100 HOH A O   1 
HETATM 563 O  O   . HOH B 2 .  ? 7.708   -4.889  6.928   1.00 36.09 ? 101 HOH A O   1 
HETATM 564 O  O   . HOH B 2 .  ? -4.167  7.373   -10.260 1.00 36.34 ? 102 HOH A O   1 
HETATM 565 O  O   . HOH B 2 .  ? 9.903   2.176   7.530   1.00 34.65 ? 103 HOH A O   1 
HETATM 566 O  O   . HOH B 2 .  ? -8.229  0.767   -2.569  1.00 32.21 ? 104 HOH A O   1 
HETATM 567 O  O   . HOH B 2 .  ? 3.801   0.904   11.375  1.00 39.49 ? 105 HOH A O   1 
HETATM 568 O  O   . HOH B 2 .  ? -6.260  6.984   4.893   1.00 36.54 ? 106 HOH A O   1 
HETATM 569 O  O   . HOH B 2 .  ? -11.045 -3.245  1.129   1.00 48.63 ? 107 HOH A O   1 
HETATM 570 O  O   . HOH B 2 .  ? 6.081   -10.016 3.412   1.00 42.30 ? 108 HOH A O   1 
HETATM 571 O  O   . HOH B 2 .  ? -11.657 -6.968  1.977   1.00 39.75 ? 109 HOH A O   1 
HETATM 572 O  O   . HOH B 2 .  ? 11.180  -5.962  -4.660  1.00 47.88 ? 110 HOH A O   1 
HETATM 573 O  O   . HOH B 2 .  ? 1.427   -6.631  12.333  1.00 46.05 ? 111 HOH A O   1 
HETATM 574 O  O   . HOH B 2 .  ? 4.715   6.903   8.454   1.00 46.43 ? 112 HOH A O   1 
HETATM 575 O  O   . HOH B 2 .  ? 4.871   7.662   -4.211  1.00 53.94 ? 113 HOH A O   1 
HETATM 576 O  O   . HOH B 2 .  ? 3.314   10.025  -0.360  1.00 47.61 ? 114 HOH A O   1 
HETATM 577 O  O   . HOH B 2 .  ? 4.690   8.067   -6.754  1.00 35.48 ? 115 HOH A O   1 
HETATM 578 O  O   . HOH B 2 .  ? -3.633  0.307   -16.490 1.00 54.33 ? 116 HOH A O   1 
HETATM 579 O  O   . HOH B 2 .  ? -0.057  1.980   13.243  1.00 36.27 ? 117 HOH A O   1 
HETATM 580 O  O   . HOH B 2 .  ? 2.137   0.763   -15.889 1.00 53.50 ? 118 HOH A O   1 
HETATM 581 O  O   . HOH B 2 .  ? 12.141  -6.093  1.841   1.00 43.60 ? 119 HOH A O   1 
HETATM 582 O  O   . HOH B 2 .  ? -2.190  14.042  -0.108  1.00 52.06 ? 120 HOH A O   1 
HETATM 583 O  O   . HOH B 2 .  ? 5.047   -7.171  9.442   1.00 54.37 ? 121 HOH A O   1 
HETATM 584 O  O   . HOH B 2 .  ? 11.511  -11.505 -8.155  1.00 53.71 ? 122 HOH A O   1 
HETATM 585 O  O   . HOH B 2 .  ? 1.782   3.363   -16.672 1.00 50.83 ? 123 HOH A O   1 
HETATM 586 O  O   . HOH B 2 .  ? -0.831  14.925  -9.067  1.00 48.30 ? 124 HOH A O   1 
HETATM 587 O  O   . HOH B 2 .  ? 6.021   -2.122  -11.864 1.00 52.87 ? 125 HOH A O   1 
HETATM 588 O  O   . HOH B 2 .  ? 10.281  -3.996  -9.632  1.00 50.07 ? 126 HOH A O   1 
HETATM 589 O  O   . HOH B 2 .  ? 8.507   5.015   -11.468 1.00 47.96 ? 127 HOH A O   1 
HETATM 590 O  O   . HOH B 2 .  ? 9.442   -6.899  7.667   1.00 56.21 ? 128 HOH A O   1 
HETATM 591 O  O   . HOH B 2 .  ? 10.821  4.013   9.058   1.00 50.41 ? 129 HOH A O   1 
HETATM 592 O  O   . HOH B 2 .  ? -11.270 7.036   0.777   1.00 51.53 ? 130 HOH A O   1 
HETATM 593 O  O   . HOH B 2 .  ? 4.551   4.987   10.669  1.00 45.52 ? 131 HOH A O   1 
HETATM 594 O  O   . HOH B 2 .  ? -14.360 -3.022  2.506   1.00 44.18 ? 132 HOH A O   1 
HETATM 595 O  O   . HOH B 2 .  ? -1.793  9.901   -8.376  1.00 47.88 ? 133 HOH A O   1 
HETATM 596 O  O   . HOH B 2 .  ? 13.103  -7.475  -0.239  1.00 39.79 ? 134 HOH A O   1 
HETATM 597 O  O   . HOH B 2 .  ? 11.620  -3.715  -7.388  1.00 58.32 ? 135 HOH A O   1 
HETATM 598 O  O   . HOH B 2 .  ? 9.271   7.083   -5.101  1.00 48.73 ? 136 HOH A O   1 
HETATM 599 O  O   . HOH B 2 .  ? 12.137  -6.830  7.579   1.00 61.14 ? 137 HOH A O   1 
HETATM 600 O  O   . HOH B 2 .  ? 13.786  -4.021  2.150   1.00 45.93 ? 138 HOH A O   1 
HETATM 601 O  O   . HOH B 2 .  ? 10.081  -8.293  4.568   1.00 55.47 ? 139 HOH A O   1 
HETATM 602 O  O   . HOH B 2 .  ? 6.959   -4.688  -10.747 1.00 53.01 ? 140 HOH A O   1 
HETATM 603 O  O   . HOH B 2 .  ? -7.483  9.300   3.646   1.00 53.99 ? 141 HOH A O   1 
HETATM 604 O  O   . HOH B 2 .  ? 10.363  -6.119  -7.236  1.00 63.37 ? 142 HOH A O   1 
HETATM 605 O  O   . HOH B 2 .  ? -7.326  -2.759  -11.078 1.00 59.32 ? 143 HOH A O   1 
HETATM 606 O  O   . HOH B 2 .  ? 8.830   -12.302 -8.618  1.00 48.78 ? 144 HOH A O   1 
HETATM 607 O  O   . HOH B 2 .  ? 0.134   10.219  2.899   1.00 60.66 ? 145 HOH A O   1 
# 
